data_3DX0
#
_entry.id   3DX0
#
_cell.length_a   68.853
_cell.length_b   109.860
_cell.length_c   139.136
_cell.angle_alpha   90.000
_cell.angle_beta   90.000
_cell.angle_gamma   90.000
#
_symmetry.space_group_name_H-M   'P 21 21 21'
#
loop_
_entity.id
_entity.type
_entity.pdbx_description
1 polymer 'Alpha-mannosidase 2'
2 non-polymer 2-acetamido-2-deoxy-beta-D-glucopyranose
3 non-polymer 'ZINC ION'
4 non-polymer 'SULFATE ION'
5 non-polymer (1R,2R,3R,4S,5R)-4-AMINO-5-(METHYLTHIO)CYCLOPENTANE-1,2,3-TRIOL
6 non-polymer (4S)-2-METHYL-2,4-PENTANEDIOL
7 water water
#
_entity_poly.entity_id   1
_entity_poly.type   'polypeptide(L)'
_entity_poly.pdbx_seq_one_letter_code
;RSSHHHHHHGEFDDPIRPPLKVARSPRPGQCQDVVQDVPNVDVQMLELYDRMSFKDIDGGVWKQGWNIKYDPLKYNAHHK
LKVFVVPHSHNDPGWIQTFEEYYQHDTKHILSNALRHLHDNPEMKFIWAEISYFARFYHDLGENKKLQMKSIVKNGQLEF
VTGGWVMPDEANSHWRNVLLQLTEGQTWLKQFMNVTPTASWAIDPFGHSPTMPYILQKSGFKNMLIQRTHYSVKKELAQQ
RQLEFLWRQIWDNKGDTALFTHMMPFYSYDIPHTCGPDPKVCCQFDFKRMGSFGLSCPWKVPPRTISDQNVAARSDLLVD
QWKKKAELYRTNVLLIPLGDDFRFKQNTEWDVQRVNYERLFEHINSQAHFNVQAQFGTLQEYFDAVHQAERAGQAEFPTL
SGDFFTYADRSDNYWSGYYTSRPYHKRMDRVLMHYVRAAEMLSAWHSWDGMARIEERLEQARRELSLFQHHDGITGTAKT
HVVVDYEQRMQEALKACQMVMQQSVYRLLTKPSIYSPDFSFSYFTLDDSRWPGSGVEDSRTTIILGEDILPSKHVVMHNT
LPHWREQLVDFYVSSPFVSVTDLANNPVEAQVSPVWSWHHDTLTKTIHPQGSTTKYRIIFKARVPPMGLATYVLTISDSK
PEHTSYASNLLLRKNPTSLPLGQYPEDVKFGDPREISLRVGNGPTLAFSEQGLLKSIQLTQDSPHVPVHFKFLKYGVRSH
GDRSGAYLFLPNGPASPVELGQPVVLVTKGKLESSVSVGLPSVVHQTIMRGGAPEIRNLVDIGSLDNTEIVMRLETHIDS
GDIFYTDLNGLQFIKRRRLDKLPLQANYYPIPSGMFIEDANTRLTLLTGQPLGGSSLASGELEIMQDRRLASDDERGLGQ
GVLDNKPVLHIYRLVLEKVNNCVRPSKLHPAGYLTSAAHKASQSLLDPLDKFIFAENEWIGAQGQFGGDHPSAREDLDVS
VMRRLTKSSAKTQRVGYVLHRTNLMQCGTPEEHTQKLDVCHLLPNVARCERTTLTFLQNLEHLDGMVAPEVCPMETAAYV
SSHSS
;
_entity_poly.pdbx_strand_id   A
#
loop_
_chem_comp.id
_chem_comp.type
_chem_comp.name
_chem_comp.formula
MPD non-polymer (4S)-2-METHYL-2,4-PENTANEDIOL 'C6 H14 O2'
MSN non-polymer (1R,2R,3R,4S,5R)-4-AMINO-5-(METHYLTHIO)CYCLOPENTANE-1,2,3-TRIOL 'C6 H13 N O3 S'
NAG D-saccharide, beta linking 2-acetamido-2-deoxy-beta-D-glucopyranose 'C8 H15 N O6'
SO4 non-polymer 'SULFATE ION' 'O4 S -2'
ZN non-polymer 'ZINC ION' 'Zn 2'
#
# COMPACT_ATOMS: atom_id res chain seq x y z
N CYS A 31 0.73 -6.02 28.17
CA CYS A 31 0.09 -5.57 26.90
C CYS A 31 -1.17 -4.75 27.17
N GLN A 32 -1.31 -3.62 26.48
CA GLN A 32 -2.56 -2.84 26.46
C GLN A 32 -3.66 -3.66 25.82
N ASP A 33 -4.89 -3.46 26.30
CA ASP A 33 -6.04 -4.13 25.72
C ASP A 33 -6.56 -3.24 24.56
N VAL A 34 -6.59 -3.78 23.34
CA VAL A 34 -6.90 -2.95 22.16
C VAL A 34 -8.38 -3.01 21.79
N VAL A 35 -9.16 -3.76 22.60
CA VAL A 35 -10.57 -3.97 22.31
C VAL A 35 -11.51 -3.27 23.26
N GLN A 36 -11.23 -3.37 24.55
CA GLN A 36 -12.23 -3.08 25.62
C GLN A 36 -12.14 -1.71 26.27
N ASP A 37 -11.09 -0.96 25.98
CA ASP A 37 -10.91 0.36 26.58
C ASP A 37 -10.97 1.44 25.50
N VAL A 38 -12.07 2.18 25.40
CA VAL A 38 -12.14 3.30 24.45
C VAL A 38 -11.21 4.46 24.85
N PRO A 39 -10.22 4.80 24.01
CA PRO A 39 -9.34 5.93 24.34
C PRO A 39 -10.11 7.23 24.52
N ASN A 40 -9.67 8.00 25.53
CA ASN A 40 -10.21 9.32 25.71
C ASN A 40 -9.27 10.31 25.00
N VAL A 41 -9.75 10.93 23.91
CA VAL A 41 -8.90 11.87 23.17
C VAL A 41 -9.65 13.18 22.99
N ASP A 42 -8.94 14.27 22.74
CA ASP A 42 -9.60 15.54 22.51
C ASP A 42 -10.33 15.58 21.18
N VAL A 43 -9.73 15.00 20.14
CA VAL A 43 -10.37 14.98 18.83
C VAL A 43 -10.36 13.55 18.35
N GLN A 44 -11.54 13.00 18.10
CA GLN A 44 -11.65 11.66 17.54
C GLN A 44 -12.31 11.85 16.17
N MET A 45 -11.62 11.47 15.10
CA MET A 45 -12.09 11.94 13.78
C MET A 45 -13.46 11.42 13.34
N LEU A 46 -13.82 10.20 13.72
CA LEU A 46 -15.18 9.71 13.39
C LEU A 46 -16.24 10.57 14.13
N GLU A 47 -15.95 10.87 15.41
CA GLU A 47 -16.86 11.69 16.21
C GLU A 47 -16.96 13.08 15.62
N LEU A 48 -15.82 13.65 15.25
CA LEU A 48 -15.82 14.98 14.65
C LEU A 48 -16.62 14.98 13.35
N TYR A 49 -16.42 13.94 12.53
CA TYR A 49 -17.15 13.83 11.28
C TYR A 49 -18.69 13.83 11.52
N ASP A 50 -19.11 13.12 12.56
CA ASP A 50 -20.55 13.01 12.87
C ASP A 50 -21.14 14.41 13.22
N ARG A 51 -20.36 15.23 13.90
CA ARG A 51 -20.82 16.56 14.37
C ARG A 51 -20.69 17.67 13.31
N MET A 52 -19.69 17.59 12.44
CA MET A 52 -19.38 18.70 11.51
C MET A 52 -20.43 18.85 10.41
N SER A 53 -20.63 20.09 9.96
CA SER A 53 -21.63 20.36 8.90
C SER A 53 -21.14 20.30 7.46
N PHE A 54 -19.83 20.49 7.28
CA PHE A 54 -19.19 20.47 5.97
C PHE A 54 -19.74 21.53 5.00
N LYS A 55 -20.28 22.64 5.53
CA LYS A 55 -20.75 23.69 4.60
C LYS A 55 -19.58 24.34 3.91
N ASP A 56 -19.75 24.59 2.62
CA ASP A 56 -18.71 25.15 1.79
C ASP A 56 -19.03 26.63 1.55
N ILE A 57 -18.81 27.45 2.55
CA ILE A 57 -19.15 28.85 2.37
C ILE A 57 -17.89 29.66 2.06
N ASP A 58 -18.11 30.75 1.32
CA ASP A 58 -17.07 31.68 0.96
C ASP A 58 -16.57 32.40 2.20
N GLY A 59 -15.36 32.06 2.63
CA GLY A 59 -14.81 32.72 3.80
C GLY A 59 -14.13 34.06 3.52
N GLY A 60 -14.15 34.56 2.29
CA GLY A 60 -13.40 35.77 1.92
C GLY A 60 -12.06 35.43 1.26
N VAL A 61 -11.02 36.21 1.55
CA VAL A 61 -9.70 35.97 0.92
C VAL A 61 -9.18 34.55 1.30
N TRP A 62 -9.44 34.12 2.54
CA TRP A 62 -9.22 32.73 2.90
C TRP A 62 -10.54 32.02 2.54
N LYS A 63 -10.56 31.47 1.31
CA LYS A 63 -11.83 31.08 0.71
C LYS A 63 -12.54 29.99 1.50
N GLN A 64 -11.76 29.14 2.16
CA GLN A 64 -12.33 28.01 2.94
C GLN A 64 -12.24 28.23 4.47
N GLY A 65 -11.96 29.47 4.87
CA GLY A 65 -11.84 29.79 6.30
C GLY A 65 -12.76 30.95 6.72
N TRP A 66 -12.15 31.99 7.32
CA TRP A 66 -12.87 33.20 7.76
C TRP A 66 -11.80 34.31 7.83
N ASN A 67 -12.23 35.55 8.05
CA ASN A 67 -11.29 36.66 8.17
C ASN A 67 -10.61 36.64 9.53
N ILE A 68 -9.35 36.23 9.56
CA ILE A 68 -8.67 36.07 10.83
C ILE A 68 -8.37 37.44 11.47
N LYS A 69 -8.63 37.55 12.78
CA LYS A 69 -8.29 38.78 13.50
C LYS A 69 -7.27 38.44 14.56
N TYR A 70 -6.39 39.41 14.86
CA TYR A 70 -5.45 39.23 15.94
C TYR A 70 -5.36 40.50 16.74
N ASP A 71 -4.88 40.35 17.97
CA ASP A 71 -4.58 41.48 18.86
C ASP A 71 -3.12 41.90 18.65
N PRO A 72 -2.87 43.10 18.13
CA PRO A 72 -1.49 43.55 17.89
C PRO A 72 -0.63 43.50 19.17
N LEU A 73 -1.27 43.61 20.34
CA LEU A 73 -0.56 43.61 21.62
C LEU A 73 -0.15 42.24 22.10
N LYS A 74 -0.50 41.18 21.36
CA LYS A 74 -0.14 39.84 21.79
C LYS A 74 1.38 39.66 21.83
N TYR A 75 2.05 40.26 20.85
CA TYR A 75 3.49 40.14 20.72
C TYR A 75 4.08 41.48 21.20
N ASN A 76 5.16 41.41 21.97
CA ASN A 76 5.81 42.59 22.53
C ASN A 76 7.29 42.28 22.76
N ALA A 77 8.04 43.23 23.34
CA ALA A 77 9.48 43.04 23.51
C ALA A 77 9.85 41.80 24.31
N HIS A 78 8.97 41.38 25.21
CA HIS A 78 9.22 40.20 26.06
C HIS A 78 8.61 38.91 25.50
N HIS A 79 7.87 39.03 24.41
CA HIS A 79 7.20 37.87 23.83
C HIS A 79 7.10 38.10 22.32
N LYS A 80 8.17 37.77 21.62
CA LYS A 80 8.19 38.00 20.17
C LYS A 80 7.64 36.79 19.41
N LEU A 81 7.24 37.04 18.15
CA LEU A 81 6.87 35.96 17.25
C LEU A 81 8.13 35.52 16.49
N LYS A 82 8.50 34.25 16.63
CA LYS A 82 9.68 33.71 15.97
C LYS A 82 9.22 33.06 14.68
N VAL A 83 9.73 33.54 13.53
CA VAL A 83 9.22 33.06 12.24
C VAL A 83 10.35 32.28 11.53
N PHE A 84 10.09 31.03 11.15
CA PHE A 84 11.08 30.22 10.41
C PHE A 84 10.58 30.06 8.98
N VAL A 85 11.32 30.62 8.04
CA VAL A 85 11.02 30.48 6.61
C VAL A 85 11.83 29.31 6.09
N VAL A 86 11.14 28.28 5.60
CA VAL A 86 11.82 27.01 5.35
C VAL A 86 11.81 26.72 3.85
N PRO A 87 12.91 27.00 3.13
CA PRO A 87 12.96 26.73 1.67
C PRO A 87 12.87 25.24 1.34
N HIS A 88 12.09 24.92 0.31
CA HIS A 88 11.88 23.50 -0.07
C HIS A 88 11.55 23.40 -1.56
N SER A 89 11.63 22.18 -2.09
CA SER A 89 11.37 21.93 -3.50
C SER A 89 10.74 20.54 -3.58
N HIS A 90 9.50 20.49 -4.05
CA HIS A 90 8.78 19.20 -4.13
C HIS A 90 9.17 18.48 -5.42
N ASN A 91 9.80 17.32 -5.30
CA ASN A 91 10.33 16.61 -6.48
C ASN A 91 9.69 15.25 -6.60
N ASP A 92 8.74 15.13 -7.51
CA ASP A 92 8.08 13.81 -7.74
C ASP A 92 8.97 12.79 -8.47
N PRO A 93 9.20 11.64 -7.87
CA PRO A 93 9.89 10.50 -8.55
C PRO A 93 8.97 9.88 -9.63
N GLY A 94 8.63 10.70 -10.63
CA GLY A 94 7.71 10.36 -11.71
C GLY A 94 6.36 11.00 -11.46
N TRP A 95 5.81 11.61 -12.53
CA TRP A 95 4.46 12.11 -12.57
C TRP A 95 4.08 12.41 -14.03
N ILE A 96 4.48 13.59 -14.51
CA ILE A 96 4.33 13.99 -15.93
C ILE A 96 5.50 13.46 -16.73
N GLN A 97 6.66 13.38 -16.11
CA GLN A 97 7.87 12.79 -16.71
C GLN A 97 8.25 11.57 -15.87
N THR A 98 9.05 10.67 -16.41
CA THR A 98 9.60 9.61 -15.57
C THR A 98 10.60 10.11 -14.54
N PHE A 99 10.93 9.23 -13.61
CA PHE A 99 12.01 9.51 -12.68
C PHE A 99 13.29 10.02 -13.38
N GLU A 100 13.77 9.29 -14.39
CA GLU A 100 15.01 9.69 -15.01
C GLU A 100 14.89 10.97 -15.83
N GLU A 101 13.73 11.17 -16.47
CA GLU A 101 13.51 12.40 -17.24
C GLU A 101 13.52 13.61 -16.30
N TYR A 102 12.78 13.54 -15.20
CA TYR A 102 12.86 14.64 -14.23
C TYR A 102 14.27 14.82 -13.67
N TYR A 103 14.94 13.71 -13.38
CA TYR A 103 16.28 13.84 -12.82
C TYR A 103 17.17 14.65 -13.82
N GLN A 104 17.13 14.28 -15.11
CA GLN A 104 17.96 14.97 -16.11
C GLN A 104 17.53 16.39 -16.36
N HIS A 105 16.22 16.65 -16.37
CA HIS A 105 15.72 17.96 -16.78
C HIS A 105 15.64 18.97 -15.65
N ASP A 106 15.41 18.46 -14.43
CA ASP A 106 15.16 19.33 -13.28
C ASP A 106 15.96 19.04 -12.04
N THR A 107 15.78 17.83 -11.50
CA THR A 107 16.28 17.55 -10.15
C THR A 107 17.81 17.62 -10.03
N LYS A 108 18.55 17.18 -11.04
CA LYS A 108 20.03 17.26 -10.91
C LYS A 108 20.50 18.73 -10.86
N HIS A 109 19.78 19.61 -11.52
CA HIS A 109 20.12 21.04 -11.50
C HIS A 109 19.72 21.67 -10.19
N ILE A 110 18.53 21.32 -9.69
CA ILE A 110 18.10 21.77 -8.35
C ILE A 110 19.14 21.40 -7.27
N LEU A 111 19.54 20.12 -7.24
CA LEU A 111 20.51 19.69 -6.26
C LEU A 111 21.92 20.29 -6.45
N SER A 112 22.33 20.42 -7.69
CA SER A 112 23.62 21.04 -8.00
C SER A 112 23.62 22.51 -7.58
N ASN A 113 22.54 23.22 -7.86
CA ASN A 113 22.45 24.63 -7.45
C ASN A 113 22.20 24.82 -5.95
N ALA A 114 21.52 23.86 -5.30
CA ALA A 114 21.38 23.89 -3.86
C ALA A 114 22.77 23.78 -3.22
N LEU A 115 23.54 22.81 -3.70
CA LEU A 115 24.90 22.63 -3.19
C LEU A 115 25.74 23.94 -3.33
N ARG A 116 25.72 24.52 -4.52
CA ARG A 116 26.51 25.73 -4.76
C ARG A 116 26.00 26.89 -3.89
N HIS A 117 24.67 27.12 -3.88
CA HIS A 117 24.14 28.25 -3.16
CA HIS A 117 24.09 28.27 -3.16
C HIS A 117 24.25 28.14 -1.66
N LEU A 118 23.98 26.96 -1.10
CA LEU A 118 24.16 26.81 0.34
C LEU A 118 25.65 26.87 0.70
N HIS A 119 26.51 26.30 -0.12
CA HIS A 119 27.97 26.43 0.16
C HIS A 119 28.38 27.90 0.25
N ASP A 120 27.89 28.69 -0.69
CA ASP A 120 28.33 30.10 -0.79
C ASP A 120 27.60 31.09 0.11
N ASN A 121 26.46 30.67 0.68
CA ASN A 121 25.64 31.52 1.52
C ASN A 121 25.32 30.80 2.82
N PRO A 122 26.19 30.91 3.82
CA PRO A 122 26.10 30.09 5.04
C PRO A 122 24.78 30.20 5.82
N GLU A 123 24.03 31.29 5.64
CA GLU A 123 22.77 31.57 6.34
CA GLU A 123 22.78 31.46 6.40
C GLU A 123 21.55 30.90 5.68
N MET A 124 21.69 30.53 4.40
CA MET A 124 20.59 29.95 3.64
C MET A 124 20.37 28.49 4.08
N LYS A 125 19.11 28.05 4.05
CA LYS A 125 18.72 26.71 4.48
C LYS A 125 17.86 26.05 3.42
N PHE A 126 17.72 24.72 3.50
CA PHE A 126 16.92 23.99 2.50
C PHE A 126 16.60 22.63 3.09
N ILE A 127 15.38 22.14 2.85
CA ILE A 127 15.00 20.79 3.26
C ILE A 127 14.79 19.88 2.04
N TRP A 128 15.17 18.62 2.19
CA TRP A 128 15.06 17.65 1.12
C TRP A 128 14.36 16.36 1.61
N ALA A 129 13.39 15.88 0.82
CA ALA A 129 12.56 14.72 1.22
C ALA A 129 12.87 13.41 0.48
N GLU A 130 13.08 13.48 -0.83
CA GLU A 130 13.04 12.27 -1.68
C GLU A 130 14.43 11.69 -1.89
N ILE A 131 14.72 10.65 -1.14
CA ILE A 131 16.08 10.11 -1.16
C ILE A 131 16.41 9.38 -2.47
N SER A 132 15.41 8.83 -3.19
CA SER A 132 15.64 8.19 -4.49
C SER A 132 16.46 9.16 -5.41
N TYR A 133 16.03 10.42 -5.46
CA TYR A 133 16.71 11.47 -6.25
C TYR A 133 18.07 11.83 -5.64
N PHE A 134 18.11 11.95 -4.32
CA PHE A 134 19.33 12.40 -3.68
C PHE A 134 20.46 11.39 -3.88
N ALA A 135 20.14 10.10 -3.69
CA ALA A 135 21.12 9.03 -3.90
C ALA A 135 21.64 9.00 -5.35
N ARG A 136 20.72 9.16 -6.31
CA ARG A 136 21.06 9.20 -7.73
C ARG A 136 22.06 10.35 -7.98
N PHE A 137 21.78 11.51 -7.39
CA PHE A 137 22.63 12.70 -7.53
C PHE A 137 24.02 12.53 -6.87
N TYR A 138 24.00 12.09 -5.62
CA TYR A 138 25.20 12.02 -4.80
C TYR A 138 26.19 11.03 -5.41
N HIS A 139 25.68 9.90 -5.87
CA HIS A 139 26.57 8.91 -6.44
CA HIS A 139 26.55 8.89 -6.47
C HIS A 139 27.28 9.43 -7.69
N ASP A 140 26.63 10.36 -8.42
CA ASP A 140 27.24 10.96 -9.62
C ASP A 140 28.21 12.14 -9.38
N LEU A 141 28.24 12.63 -8.14
CA LEU A 141 29.16 13.72 -7.76
C LEU A 141 30.62 13.29 -7.68
N GLY A 142 31.50 14.17 -8.11
CA GLY A 142 32.91 13.96 -7.82
C GLY A 142 33.17 14.04 -6.33
N GLU A 143 34.29 13.47 -5.91
CA GLU A 143 34.64 13.43 -4.50
C GLU A 143 34.68 14.80 -3.84
N ASN A 144 35.20 15.81 -4.53
CA ASN A 144 35.31 17.13 -3.91
C ASN A 144 33.89 17.66 -3.55
N LYS A 145 32.93 17.43 -4.46
CA LYS A 145 31.56 17.88 -4.25
C LYS A 145 30.81 17.00 -3.24
N LYS A 146 31.07 15.68 -3.26
CA LYS A 146 30.55 14.83 -2.16
C LYS A 146 30.93 15.39 -0.80
N LEU A 147 32.20 15.76 -0.64
CA LEU A 147 32.65 16.35 0.64
C LEU A 147 31.95 17.70 0.95
N GLN A 148 31.75 18.54 -0.06
CA GLN A 148 31.07 19.80 0.17
C GLN A 148 29.63 19.52 0.65
N MET A 149 28.99 18.52 0.03
CA MET A 149 27.61 18.15 0.34
C MET A 149 27.53 17.62 1.77
N LYS A 150 28.44 16.72 2.13
CA LYS A 150 28.44 16.25 3.52
C LYS A 150 28.59 17.38 4.54
N SER A 151 29.35 18.41 4.18
N SER A 151 29.34 18.40 4.17
CA SER A 151 29.63 19.51 5.08
CA SER A 151 29.62 19.50 5.07
C SER A 151 28.39 20.39 5.29
C SER A 151 28.39 20.39 5.28
N ILE A 152 27.63 20.65 4.22
CA ILE A 152 26.41 21.49 4.39
C ILE A 152 25.28 20.73 5.10
N VAL A 153 25.30 19.40 5.06
CA VAL A 153 24.36 18.59 5.85
C VAL A 153 24.83 18.57 7.31
N LYS A 154 26.12 18.27 7.52
CA LYS A 154 26.68 18.22 8.88
C LYS A 154 26.47 19.52 9.66
N ASN A 155 26.66 20.66 8.98
CA ASN A 155 26.49 22.01 9.53
C ASN A 155 25.02 22.51 9.64
N GLY A 156 24.06 21.72 9.21
CA GLY A 156 22.65 22.06 9.39
C GLY A 156 22.02 22.96 8.32
N GLN A 157 22.70 23.24 7.20
CA GLN A 157 22.07 24.07 6.18
C GLN A 157 21.09 23.27 5.31
N LEU A 158 21.51 22.07 4.90
CA LEU A 158 20.63 21.18 4.13
C LEU A 158 20.15 20.07 5.09
N GLU A 159 18.82 19.96 5.27
CA GLU A 159 18.28 19.00 6.21
C GLU A 159 17.35 18.06 5.51
N PHE A 160 17.55 16.78 5.75
CA PHE A 160 16.65 15.77 5.23
C PHE A 160 15.44 15.65 6.11
N VAL A 161 14.29 15.63 5.45
CA VAL A 161 13.04 15.46 6.15
C VAL A 161 12.43 14.13 5.68
N THR A 162 11.96 13.37 6.66
CA THR A 162 11.51 11.97 6.52
C THR A 162 12.65 11.05 6.11
N GLY A 163 13.21 11.29 4.92
CA GLY A 163 14.33 10.44 4.49
C GLY A 163 13.91 9.13 3.88
N GLY A 164 12.66 9.01 3.45
CA GLY A 164 12.26 7.82 2.69
C GLY A 164 12.74 7.88 1.24
N TRP A 165 12.69 6.73 0.58
CA TRP A 165 13.05 6.71 -0.84
C TRP A 165 12.15 7.68 -1.62
N VAL A 166 10.89 7.76 -1.16
CA VAL A 166 9.88 8.63 -1.75
C VAL A 166 9.07 9.30 -0.61
N MET A 167 8.07 10.07 -1.00
CA MET A 167 7.01 10.54 -0.11
C MET A 167 5.77 9.72 -0.51
N PRO A 168 5.51 8.63 0.20
CA PRO A 168 4.54 7.66 -0.33
C PRO A 168 3.10 8.11 -0.28
N ASP A 169 2.31 7.53 -1.17
CA ASP A 169 0.87 7.51 -0.96
C ASP A 169 0.58 6.90 0.39
N GLU A 170 -0.48 7.38 1.03
CA GLU A 170 -0.92 6.86 2.32
C GLU A 170 -2.21 6.07 2.29
N ALA A 171 -2.87 6.06 1.13
CA ALA A 171 -4.14 5.33 0.97
C ALA A 171 -4.05 3.90 0.53
N ASN A 172 -3.32 3.68 -0.57
CA ASN A 172 -3.28 2.38 -1.22
C ASN A 172 -2.09 1.57 -0.73
N SER A 173 -1.08 2.25 -0.18
CA SER A 173 0.19 1.57 0.17
C SER A 173 0.00 0.58 1.32
N HIS A 174 0.67 -0.57 1.23
CA HIS A 174 0.70 -1.48 2.36
C HIS A 174 1.76 -1.00 3.37
N TRP A 175 1.46 -1.15 4.67
CA TRP A 175 2.35 -0.65 5.70
C TRP A 175 3.73 -1.32 5.52
N ARG A 176 3.74 -2.55 5.02
CA ARG A 176 5.04 -3.24 4.85
C ARG A 176 5.92 -2.50 3.83
N ASN A 177 5.29 -1.97 2.77
CA ASN A 177 6.06 -1.27 1.77
C ASN A 177 6.36 0.17 2.16
N VAL A 178 5.49 0.78 2.97
CA VAL A 178 5.84 2.11 3.52
C VAL A 178 7.13 1.94 4.35
N LEU A 179 7.17 0.89 5.17
CA LEU A 179 8.36 0.61 5.95
C LEU A 179 9.56 0.35 5.04
N LEU A 180 9.34 -0.45 4.00
CA LEU A 180 10.45 -0.83 3.08
C LEU A 180 11.08 0.45 2.49
N GLN A 181 10.23 1.36 2.02
CA GLN A 181 10.80 2.53 1.34
C GLN A 181 11.44 3.51 2.32
N LEU A 182 10.85 3.61 3.52
CA LEU A 182 11.45 4.45 4.57
C LEU A 182 12.82 3.89 4.90
N THR A 183 12.89 2.58 5.09
CA THR A 183 14.16 1.95 5.43
C THR A 183 15.19 2.11 4.28
N GLU A 184 14.74 2.00 3.03
CA GLU A 184 15.67 2.12 1.88
C GLU A 184 16.33 3.52 1.88
N GLY A 185 15.52 4.55 2.08
CA GLY A 185 16.07 5.92 2.09
C GLY A 185 16.91 6.18 3.34
N GLN A 186 16.41 5.76 4.50
CA GLN A 186 17.18 6.08 5.74
C GLN A 186 18.48 5.27 5.84
N THR A 187 18.48 4.06 5.28
CA THR A 187 19.71 3.28 5.33
C THR A 187 20.79 3.94 4.47
N TRP A 188 20.38 4.45 3.31
CA TRP A 188 21.27 5.22 2.46
C TRP A 188 21.76 6.48 3.19
N LEU A 189 20.85 7.24 3.78
CA LEU A 189 21.27 8.44 4.54
C LEU A 189 22.27 8.11 5.66
N LYS A 190 22.04 7.04 6.43
CA LYS A 190 22.94 6.76 7.56
C LYS A 190 24.34 6.44 7.01
N GLN A 191 24.35 5.62 5.96
CA GLN A 191 25.63 5.18 5.37
C GLN A 191 26.43 6.34 4.75
N PHE A 192 25.75 7.20 4.02
CA PHE A 192 26.48 8.20 3.24
C PHE A 192 26.51 9.58 3.83
N MET A 193 25.44 9.97 4.53
CA MET A 193 25.36 11.31 5.11
C MET A 193 25.65 11.31 6.60
N ASN A 194 25.49 10.15 7.23
CA ASN A 194 25.58 10.02 8.70
C ASN A 194 24.48 10.77 9.46
N VAL A 195 23.26 10.71 8.97
CA VAL A 195 22.13 11.39 9.62
C VAL A 195 20.90 10.50 9.49
N THR A 196 20.03 10.57 10.50
CA THR A 196 18.72 9.88 10.50
C THR A 196 17.65 10.93 10.88
N PRO A 197 16.82 11.36 9.92
CA PRO A 197 15.77 12.34 10.23
C PRO A 197 14.84 11.85 11.33
N THR A 198 14.41 12.79 12.16
CA THR A 198 13.40 12.48 13.17
C THR A 198 12.16 13.33 12.98
N ALA A 199 12.12 14.12 11.91
CA ALA A 199 10.92 14.87 11.56
C ALA A 199 10.49 14.46 10.16
N SER A 200 9.18 14.30 9.98
CA SER A 200 8.65 13.89 8.69
C SER A 200 7.88 15.02 8.03
N TRP A 201 7.95 15.04 6.70
CA TRP A 201 7.36 16.08 5.87
C TRP A 201 6.57 15.37 4.77
N ALA A 202 5.25 15.48 4.86
CA ALA A 202 4.40 14.84 3.86
C ALA A 202 3.37 15.86 3.33
N ILE A 203 3.80 16.66 2.35
CA ILE A 203 2.96 17.77 1.88
C ILE A 203 2.01 17.45 0.74
N ASP A 204 2.20 16.30 0.09
CA ASP A 204 1.44 16.02 -1.12
C ASP A 204 0.60 14.72 -1.17
N PRO A 205 0.76 13.70 -0.31
CA PRO A 205 -0.22 12.59 -0.44
C PRO A 205 -1.69 13.07 -0.31
N PHE A 206 -2.64 12.36 -0.98
CA PHE A 206 -4.00 12.91 -1.14
C PHE A 206 -4.90 12.39 0.01
N GLY A 207 -4.71 12.98 1.18
CA GLY A 207 -5.24 12.49 2.44
C GLY A 207 -4.16 11.74 3.21
N HIS A 208 -4.38 11.54 4.51
CA HIS A 208 -3.34 11.04 5.42
C HIS A 208 -3.80 9.92 6.34
N SER A 209 -2.88 9.00 6.61
CA SER A 209 -3.21 7.80 7.35
C SER A 209 -2.45 7.76 8.68
N PRO A 210 -3.10 7.27 9.75
CA PRO A 210 -2.39 7.09 11.04
C PRO A 210 -1.35 5.96 10.99
N THR A 211 -1.34 5.18 9.91
CA THR A 211 -0.21 4.25 9.72
C THR A 211 1.13 4.95 9.70
N MET A 212 1.13 6.18 9.22
CA MET A 212 2.40 6.91 9.20
C MET A 212 2.98 7.20 10.61
N PRO A 213 2.28 7.91 11.48
CA PRO A 213 2.82 8.05 12.85
C PRO A 213 3.13 6.72 13.54
N TYR A 214 2.34 5.67 13.24
CA TYR A 214 2.60 4.35 13.82
C TYR A 214 4.03 3.87 13.45
N ILE A 215 4.34 3.88 12.15
CA ILE A 215 5.69 3.45 11.71
C ILE A 215 6.77 4.45 12.13
N LEU A 216 6.49 5.74 11.95
CA LEU A 216 7.51 6.75 12.26
C LEU A 216 7.90 6.73 13.73
N GLN A 217 6.90 6.63 14.61
CA GLN A 217 7.18 6.66 16.04
C GLN A 217 8.02 5.43 16.47
N LYS A 218 7.89 4.32 15.73
CA LYS A 218 8.66 3.10 16.05
C LYS A 218 9.98 3.08 15.25
N SER A 219 10.27 4.20 14.59
CA SER A 219 11.46 4.38 13.76
C SER A 219 12.21 5.63 14.22
N GLY A 220 12.02 6.01 15.49
CA GLY A 220 12.83 7.08 16.08
C GLY A 220 12.29 8.49 15.88
N PHE A 221 11.16 8.64 15.18
CA PHE A 221 10.68 10.01 14.87
C PHE A 221 10.07 10.65 16.10
N LYS A 222 10.16 11.98 16.14
CA LYS A 222 9.56 12.79 17.21
C LYS A 222 8.51 13.76 16.70
N ASN A 223 8.47 14.02 15.38
CA ASN A 223 7.53 14.99 14.82
C ASN A 223 7.18 14.67 13.39
N MET A 224 5.99 15.07 12.95
CA MET A 224 5.62 14.92 11.54
C MET A 224 4.69 16.07 11.11
N LEU A 225 4.70 16.35 9.81
CA LEU A 225 3.87 17.37 9.22
C LEU A 225 3.04 16.80 8.09
N ILE A 226 1.78 17.23 7.98
CA ILE A 226 0.90 16.78 6.90
C ILE A 226 0.17 18.00 6.31
N GLN A 227 -0.41 17.84 5.12
CA GLN A 227 -1.03 18.98 4.46
C GLN A 227 -2.40 18.71 3.83
N ARG A 228 -2.51 17.64 3.04
CA ARG A 228 -3.74 17.48 2.29
C ARG A 228 -4.85 16.83 3.10
N THR A 229 -5.63 17.65 3.81
CA THR A 229 -6.75 17.16 4.55
C THR A 229 -7.94 17.99 4.12
N HIS A 230 -9.12 17.43 4.29
CA HIS A 230 -10.38 18.07 3.86
C HIS A 230 -10.43 19.54 4.29
N TYR A 231 -10.81 20.43 3.38
CA TYR A 231 -10.88 21.84 3.74
C TYR A 231 -11.78 22.13 4.95
N SER A 232 -12.84 21.34 5.14
N SER A 232 -12.84 21.34 5.14
CA SER A 232 -13.71 21.47 6.31
CA SER A 232 -13.69 21.53 6.31
C SER A 232 -13.00 21.11 7.61
C SER A 232 -13.02 21.10 7.63
N VAL A 233 -12.16 20.08 7.56
CA VAL A 233 -11.37 19.69 8.71
C VAL A 233 -10.33 20.78 9.10
N LYS A 234 -9.64 21.34 8.09
CA LYS A 234 -8.73 22.47 8.36
C LYS A 234 -9.48 23.61 9.07
N LYS A 235 -10.66 23.95 8.58
CA LYS A 235 -11.42 25.06 9.17
C LYS A 235 -11.77 24.75 10.61
N GLU A 236 -12.26 23.54 10.84
CA GLU A 236 -12.68 23.11 12.17
C GLU A 236 -11.55 23.09 13.17
N LEU A 237 -10.44 22.44 12.82
CA LEU A 237 -9.34 22.39 13.73
C LEU A 237 -8.73 23.78 13.89
N ALA A 238 -8.67 24.57 12.81
CA ALA A 238 -8.08 25.92 12.97
C ALA A 238 -8.84 26.72 14.03
N GLN A 239 -10.17 26.66 13.96
CA GLN A 239 -11.03 27.40 14.91
C GLN A 239 -10.75 27.08 16.38
N GLN A 240 -10.28 25.86 16.63
CA GLN A 240 -10.00 25.42 17.98
C GLN A 240 -8.50 25.37 18.28
N ARG A 241 -7.67 25.92 17.37
CA ARG A 241 -6.22 25.76 17.49
C ARG A 241 -5.81 24.31 17.78
N GLN A 242 -6.37 23.39 16.97
CA GLN A 242 -6.07 21.95 17.10
C GLN A 242 -5.32 21.43 15.86
N LEU A 243 -4.57 22.33 15.19
CA LEU A 243 -3.87 21.93 13.98
C LEU A 243 -2.54 21.27 14.33
N GLU A 244 -2.12 21.44 15.57
CA GLU A 244 -0.99 20.69 16.09
C GLU A 244 -1.54 19.81 17.19
N PHE A 245 -1.23 18.53 17.12
CA PHE A 245 -1.84 17.52 18.02
C PHE A 245 -0.93 16.32 18.21
N LEU A 246 -1.16 15.55 19.27
CA LEU A 246 -0.43 14.33 19.48
C LEU A 246 -1.28 13.23 18.90
N TRP A 247 -0.85 12.72 17.77
CA TRP A 247 -1.65 11.75 17.03
C TRP A 247 -1.35 10.32 17.50
N ARG A 248 -2.33 9.70 18.16
CA ARG A 248 -2.16 8.34 18.60
C ARG A 248 -3.07 7.43 17.81
N GLN A 249 -2.77 6.14 17.88
CA GLN A 249 -3.59 5.14 17.20
C GLN A 249 -4.97 5.00 17.84
N ILE A 250 -5.97 4.62 17.02
CA ILE A 250 -7.38 4.65 17.46
C ILE A 250 -7.66 3.70 18.65
N TRP A 251 -6.84 2.65 18.81
CA TRP A 251 -7.02 1.68 19.93
C TRP A 251 -6.14 1.98 21.15
N ASP A 252 -5.34 3.03 21.09
CA ASP A 252 -4.29 3.27 22.08
C ASP A 252 -4.79 4.07 23.28
N ASN A 253 -5.07 3.37 24.39
CA ASN A 253 -5.69 4.01 25.52
C ASN A 253 -4.68 4.86 26.33
N LYS A 254 -3.45 4.39 26.39
CA LYS A 254 -2.41 5.02 27.20
C LYS A 254 -1.75 6.18 26.48
N GLY A 255 -1.60 6.07 25.16
CA GLY A 255 -0.96 7.12 24.40
C GLY A 255 0.51 6.92 24.02
N ASP A 256 1.07 5.73 24.20
N ASP A 256 1.02 5.71 24.19
CA ASP A 256 2.48 5.48 23.87
CA ASP A 256 2.40 5.35 23.87
C ASP A 256 2.77 5.48 22.37
C ASP A 256 2.75 5.46 22.40
N THR A 257 1.74 5.38 21.53
CA THR A 257 1.98 5.48 20.09
C THR A 257 2.05 6.92 19.61
N ALA A 258 1.72 7.89 20.51
CA ALA A 258 1.53 9.30 20.10
C ALA A 258 2.74 9.91 19.41
N LEU A 259 2.48 10.63 18.32
CA LEU A 259 3.52 11.41 17.63
C LEU A 259 3.05 12.82 17.40
N PHE A 260 3.87 13.82 17.76
CA PHE A 260 3.50 15.20 17.52
C PHE A 260 3.34 15.48 16.02
N THR A 261 2.20 16.03 15.64
CA THR A 261 1.86 16.24 14.25
C THR A 261 1.46 17.70 14.05
N HIS A 262 1.95 18.29 12.96
CA HIS A 262 1.57 19.62 12.54
C HIS A 262 0.80 19.50 11.22
N MET A 263 -0.48 19.91 11.22
CA MET A 263 -1.25 20.04 10.00
C MET A 263 -1.19 21.47 9.47
N MET A 264 -0.75 21.64 8.23
CA MET A 264 -0.72 22.97 7.65
C MET A 264 -2.20 23.40 7.41
N PRO A 265 -2.47 24.70 7.47
CA PRO A 265 -3.87 25.16 7.55
C PRO A 265 -4.60 25.46 6.25
N PHE A 266 -3.86 25.59 5.15
CA PHE A 266 -4.43 26.21 3.95
C PHE A 266 -4.52 25.25 2.76
N TYR A 267 -4.95 25.78 1.61
CA TYR A 267 -5.36 24.94 0.48
C TYR A 267 -4.19 24.23 -0.22
N SER A 268 -3.01 24.84 -0.18
CA SER A 268 -1.85 24.27 -0.86
C SER A 268 -0.60 24.50 -0.04
N TYR A 269 0.49 23.80 -0.36
CA TYR A 269 1.79 24.09 0.22
C TYR A 269 2.59 25.09 -0.65
N ASP A 270 1.99 25.59 -1.73
CA ASP A 270 2.71 26.57 -2.56
C ASP A 270 2.87 27.89 -1.82
N ILE A 271 3.65 28.80 -2.38
CA ILE A 271 3.95 30.04 -1.65
C ILE A 271 2.69 30.90 -1.44
N PRO A 272 1.82 31.05 -2.44
CA PRO A 272 0.54 31.77 -2.20
C PRO A 272 -0.29 31.27 -1.02
N HIS A 273 -0.17 29.98 -0.68
CA HIS A 273 -0.96 29.43 0.41
C HIS A 273 -0.14 29.07 1.64
N THR A 274 1.04 29.68 1.78
CA THR A 274 1.87 29.37 2.96
C THR A 274 2.33 30.58 3.76
N CYS A 275 2.22 31.79 3.22
CA CYS A 275 2.62 32.95 4.07
C CYS A 275 1.53 33.39 5.07
N GLY A 276 0.29 33.01 4.82
CA GLY A 276 -0.88 33.50 5.56
C GLY A 276 -2.14 33.26 4.76
N PRO A 277 -3.30 33.76 5.25
CA PRO A 277 -4.63 33.45 4.69
C PRO A 277 -4.96 34.03 3.33
N ASP A 278 -4.26 35.06 2.88
CA ASP A 278 -4.65 35.73 1.66
C ASP A 278 -3.66 35.47 0.55
N PRO A 279 -4.02 34.60 -0.38
CA PRO A 279 -3.07 34.23 -1.43
C PRO A 279 -2.73 35.37 -2.41
N LYS A 280 -3.64 36.35 -2.57
CA LYS A 280 -3.34 37.51 -3.43
C LYS A 280 -2.16 38.27 -2.85
N VAL A 281 -2.03 38.23 -1.54
CA VAL A 281 -0.89 38.86 -0.87
C VAL A 281 0.32 37.94 -0.90
N CYS A 282 0.17 36.68 -0.48
CA CYS A 282 1.33 35.79 -0.36
C CYS A 282 2.02 35.59 -1.71
N CYS A 283 1.24 35.60 -2.77
CA CYS A 283 1.79 35.43 -4.11
C CYS A 283 2.82 36.53 -4.44
N GLN A 284 2.67 37.71 -3.82
CA GLN A 284 3.61 38.81 -4.05
C GLN A 284 4.94 38.57 -3.36
N PHE A 285 5.01 37.47 -2.61
CA PHE A 285 6.25 37.10 -1.91
C PHE A 285 6.85 35.81 -2.43
N ASP A 286 6.38 35.42 -3.60
CA ASP A 286 7.03 34.40 -4.41
C ASP A 286 7.83 35.11 -5.51
N PHE A 287 9.11 35.37 -5.25
CA PHE A 287 9.87 36.21 -6.15
C PHE A 287 10.24 35.59 -7.50
N LYS A 288 9.82 34.34 -7.72
CA LYS A 288 9.94 33.75 -9.05
C LYS A 288 8.82 34.17 -9.99
N ARG A 289 7.86 34.97 -9.52
CA ARG A 289 6.67 35.24 -10.31
C ARG A 289 6.61 36.66 -10.94
N MET A 290 7.76 37.28 -11.19
CA MET A 290 7.77 38.65 -11.75
C MET A 290 7.75 38.75 -13.30
N GLY A 291 7.95 37.62 -14.00
CA GLY A 291 7.85 37.55 -15.44
C GLY A 291 8.92 36.73 -16.15
N SER A 292 10.20 36.97 -15.81
CA SER A 292 11.30 36.34 -16.54
C SER A 292 11.40 34.80 -16.45
N PHE A 293 10.75 34.21 -15.45
CA PHE A 293 10.74 32.75 -15.25
C PHE A 293 9.48 32.11 -15.86
N GLY A 294 8.66 32.93 -16.53
CA GLY A 294 7.41 32.45 -17.12
C GLY A 294 6.31 32.09 -16.11
N LEU A 295 6.38 32.66 -14.91
CA LEU A 295 5.36 32.45 -13.87
C LEU A 295 4.73 33.78 -13.51
N SER A 296 3.48 33.72 -13.06
CA SER A 296 2.74 34.95 -12.71
C SER A 296 1.81 34.66 -11.54
N CYS A 297 1.15 35.69 -10.98
CA CYS A 297 0.16 35.53 -9.91
C CYS A 297 -1.25 35.54 -10.48
N PRO A 298 -2.02 34.45 -10.32
CA PRO A 298 -3.42 34.42 -10.80
C PRO A 298 -4.30 35.48 -10.17
N TRP A 299 -3.91 36.01 -9.00
CA TRP A 299 -4.67 37.10 -8.33
C TRP A 299 -4.40 38.47 -8.94
N LYS A 300 -3.53 38.51 -9.96
CA LYS A 300 -3.29 39.71 -10.79
C LYS A 300 -2.54 40.85 -10.08
N VAL A 301 -1.86 40.54 -8.97
CA VAL A 301 -0.91 41.47 -8.38
C VAL A 301 0.46 40.78 -8.33
N PRO A 302 1.47 41.30 -9.03
CA PRO A 302 2.77 40.60 -9.11
C PRO A 302 3.67 40.87 -7.88
N PRO A 303 4.70 40.05 -7.66
CA PRO A 303 5.71 40.42 -6.67
C PRO A 303 6.44 41.67 -7.18
N ARG A 304 6.96 42.47 -6.27
CA ARG A 304 7.89 43.52 -6.64
C ARG A 304 9.18 43.33 -5.87
N THR A 305 10.29 43.65 -6.53
CA THR A 305 11.61 43.51 -5.92
C THR A 305 11.62 44.42 -4.70
N ILE A 306 12.17 43.93 -3.58
CA ILE A 306 12.20 44.70 -2.32
C ILE A 306 13.34 45.72 -2.43
N SER A 307 13.04 46.98 -2.05
CA SER A 307 14.01 48.09 -2.07
C SER A 307 13.91 48.82 -0.74
N ASP A 308 14.86 49.73 -0.47
CA ASP A 308 14.73 50.55 0.73
C ASP A 308 13.48 51.41 0.76
N GLN A 309 12.91 51.74 -0.41
CA GLN A 309 11.70 52.59 -0.49
C GLN A 309 10.36 51.85 -0.33
N ASN A 310 10.34 50.54 -0.62
CA ASN A 310 9.09 49.81 -0.46
C ASN A 310 9.14 48.79 0.68
N VAL A 311 10.30 48.61 1.30
CA VAL A 311 10.46 47.51 2.27
C VAL A 311 9.51 47.65 3.46
N ALA A 312 9.31 48.89 3.94
CA ALA A 312 8.41 49.08 5.05
C ALA A 312 6.99 48.64 4.75
N ALA A 313 6.41 49.08 3.64
CA ALA A 313 5.04 48.74 3.28
C ALA A 313 4.92 47.24 2.94
N ARG A 314 5.93 46.69 2.28
CA ARG A 314 5.95 45.25 1.96
C ARG A 314 5.96 44.43 3.24
N SER A 315 6.81 44.82 4.20
CA SER A 315 6.89 44.19 5.54
C SER A 315 5.60 44.35 6.32
N ASP A 316 4.98 45.53 6.25
CA ASP A 316 3.65 45.73 6.88
C ASP A 316 2.71 44.61 6.43
N LEU A 317 2.68 44.40 5.12
CA LEU A 317 1.76 43.44 4.51
C LEU A 317 2.09 42.02 4.92
N LEU A 318 3.38 41.67 4.88
CA LEU A 318 3.81 40.28 5.10
C LEU A 318 3.65 39.96 6.56
N VAL A 319 4.12 40.85 7.44
CA VAL A 319 3.97 40.57 8.88
C VAL A 319 2.50 40.39 9.28
N ASP A 320 1.60 41.15 8.65
CA ASP A 320 0.17 41.02 8.97
C ASP A 320 -0.34 39.60 8.57
N GLN A 321 0.09 39.11 7.40
CA GLN A 321 -0.19 37.71 7.01
C GLN A 321 0.35 36.74 8.05
N TRP A 322 1.62 36.90 8.41
CA TRP A 322 2.21 36.00 9.41
C TRP A 322 1.46 35.98 10.73
N LYS A 323 1.03 37.17 11.18
CA LYS A 323 0.37 37.24 12.50
C LYS A 323 -1.02 36.62 12.44
N LYS A 324 -1.65 36.70 11.27
CA LYS A 324 -2.92 36.01 11.02
C LYS A 324 -2.72 34.49 11.06
N LYS A 325 -1.75 33.99 10.31
CA LYS A 325 -1.42 32.55 10.39
C LYS A 325 -1.14 32.12 11.81
N ALA A 326 -0.36 32.93 12.54
CA ALA A 326 0.04 32.56 13.90
C ALA A 326 -1.15 32.44 14.86
N GLU A 327 -2.26 33.10 14.54
CA GLU A 327 -3.44 33.00 15.40
C GLU A 327 -4.06 31.60 15.39
N LEU A 328 -3.75 30.81 14.37
CA LEU A 328 -4.32 29.47 14.23
C LEU A 328 -3.56 28.42 15.03
N TYR A 329 -2.45 28.84 15.66
CA TYR A 329 -1.57 27.96 16.41
C TYR A 329 -1.30 28.41 17.83
N ARG A 330 -0.73 27.53 18.65
CA ARG A 330 -0.67 27.80 20.09
C ARG A 330 0.63 28.39 20.64
N THR A 331 1.73 28.30 19.88
CA THR A 331 2.99 28.83 20.38
C THR A 331 3.36 30.12 19.66
N ASN A 332 4.45 30.74 20.10
CA ASN A 332 4.98 31.93 19.45
C ASN A 332 6.05 31.57 18.40
N VAL A 333 5.98 30.34 17.87
CA VAL A 333 6.93 29.95 16.85
C VAL A 333 6.15 29.59 15.59
N LEU A 334 6.46 30.24 14.47
CA LEU A 334 5.64 30.13 13.27
C LEU A 334 6.39 29.47 12.10
N LEU A 335 5.78 28.44 11.49
CA LEU A 335 6.39 27.75 10.34
C LEU A 335 5.90 28.38 9.04
N ILE A 336 6.84 28.86 8.20
CA ILE A 336 6.50 29.38 6.89
C ILE A 336 7.26 28.61 5.80
N PRO A 337 6.68 27.56 5.22
CA PRO A 337 7.35 26.94 4.07
C PRO A 337 7.50 27.93 2.92
N LEU A 338 8.59 27.77 2.19
CA LEU A 338 8.85 28.58 1.00
C LEU A 338 9.28 27.69 -0.15
N GLY A 339 8.30 27.24 -0.94
CA GLY A 339 8.66 26.39 -2.08
C GLY A 339 7.45 25.91 -2.85
N ASP A 340 7.70 25.07 -3.87
CA ASP A 340 6.67 24.54 -4.73
C ASP A 340 7.33 23.44 -5.56
N ASP A 341 6.61 22.95 -6.56
CA ASP A 341 7.08 21.78 -7.33
C ASP A 341 8.30 22.10 -8.13
N PHE A 342 9.36 21.30 -7.94
CA PHE A 342 10.59 21.44 -8.70
C PHE A 342 11.15 22.85 -8.69
N ARG A 343 11.03 23.50 -7.52
CA ARG A 343 11.59 24.82 -7.32
C ARG A 343 13.09 24.79 -7.02
N PHE A 344 13.68 25.98 -7.07
CA PHE A 344 15.11 26.18 -6.74
C PHE A 344 16.02 25.50 -7.74
N LYS A 345 15.63 25.61 -9.01
CA LYS A 345 16.34 25.00 -10.11
C LYS A 345 17.46 25.89 -10.61
N GLN A 346 17.12 27.14 -10.91
N GLN A 346 17.14 27.14 -10.93
CA GLN A 346 18.04 28.10 -11.53
CA GLN A 346 18.14 28.02 -11.51
C GLN A 346 18.82 28.87 -10.47
C GLN A 346 18.84 28.84 -10.45
N ASN A 347 20.09 29.18 -10.74
CA ASN A 347 20.87 30.06 -9.86
C ASN A 347 20.18 31.39 -9.60
N THR A 348 19.63 31.98 -10.65
CA THR A 348 18.93 33.28 -10.53
C THR A 348 17.69 33.17 -9.66
N GLU A 349 17.07 31.98 -9.61
CA GLU A 349 15.95 31.75 -8.68
C GLU A 349 16.39 31.70 -7.22
N TRP A 350 17.49 31.00 -6.94
CA TRP A 350 18.04 31.01 -5.59
C TRP A 350 18.31 32.45 -5.15
N ASP A 351 18.93 33.24 -6.05
CA ASP A 351 19.23 34.64 -5.71
C ASP A 351 17.97 35.48 -5.47
N VAL A 352 17.00 35.36 -6.37
CA VAL A 352 15.84 36.26 -6.27
C VAL A 352 15.03 35.97 -4.99
N GLN A 353 14.93 34.71 -4.60
CA GLN A 353 14.25 34.42 -3.34
C GLN A 353 15.10 34.85 -2.12
N ARG A 354 16.36 34.42 -2.09
CA ARG A 354 17.20 34.70 -0.94
C ARG A 354 17.39 36.22 -0.71
N VAL A 355 17.75 36.95 -1.75
CA VAL A 355 18.06 38.38 -1.52
C VAL A 355 16.84 39.16 -1.07
N ASN A 356 15.71 38.95 -1.75
CA ASN A 356 14.48 39.62 -1.33
C ASN A 356 14.01 39.26 0.09
N TYR A 357 14.07 37.98 0.45
CA TYR A 357 13.75 37.63 1.83
C TYR A 357 14.72 38.23 2.83
N GLU A 358 16.01 38.22 2.51
CA GLU A 358 16.98 38.84 3.43
C GLU A 358 16.73 40.34 3.67
N ARG A 359 16.32 41.09 2.64
CA ARG A 359 15.99 42.50 2.82
CA ARG A 359 15.99 42.50 2.82
C ARG A 359 14.80 42.64 3.76
N LEU A 360 13.81 41.76 3.59
CA LEU A 360 12.63 41.76 4.47
C LEU A 360 13.03 41.44 5.90
N PHE A 361 13.87 40.43 6.10
CA PHE A 361 14.28 40.04 7.46
C PHE A 361 15.05 41.18 8.14
N GLU A 362 15.95 41.83 7.39
CA GLU A 362 16.75 42.90 8.00
C GLU A 362 15.83 44.03 8.50
N HIS A 363 14.84 44.42 7.70
CA HIS A 363 13.91 45.47 8.10
C HIS A 363 13.06 45.00 9.28
N ILE A 364 12.40 43.86 9.12
CA ILE A 364 11.44 43.43 10.10
C ILE A 364 12.10 43.24 11.44
N ASN A 365 13.28 42.64 11.44
CA ASN A 365 13.94 42.24 12.69
C ASN A 365 14.47 43.49 13.43
N SER A 366 14.65 44.59 12.70
CA SER A 366 15.19 45.82 13.29
C SER A 366 14.08 46.79 13.71
N GLN A 367 12.84 46.50 13.35
CA GLN A 367 11.70 47.35 13.67
C GLN A 367 10.98 46.76 14.88
N ALA A 368 11.32 47.26 16.06
CA ALA A 368 10.77 46.65 17.28
C ALA A 368 9.24 46.60 17.33
N HIS A 369 8.57 47.56 16.69
CA HIS A 369 7.10 47.58 16.69
C HIS A 369 6.44 46.28 16.13
N PHE A 370 7.14 45.57 15.24
CA PHE A 370 6.59 44.29 14.75
C PHE A 370 6.69 43.20 15.81
N ASN A 371 7.71 43.28 16.68
CA ASN A 371 8.01 42.23 17.67
C ASN A 371 8.12 40.86 17.02
N VAL A 372 8.84 40.81 15.91
CA VAL A 372 9.08 39.57 15.16
C VAL A 372 10.57 39.35 15.01
N GLN A 373 11.00 38.09 15.12
CA GLN A 373 12.36 37.71 14.66
C GLN A 373 12.20 36.63 13.58
N ALA A 374 12.54 36.97 12.36
CA ALA A 374 12.30 36.09 11.21
C ALA A 374 13.64 35.65 10.62
N GLN A 375 13.71 34.40 10.18
CA GLN A 375 14.97 33.88 9.61
C GLN A 375 14.69 32.65 8.77
N PHE A 376 15.66 32.29 7.92
CA PHE A 376 15.60 30.99 7.28
C PHE A 376 15.80 29.91 8.32
N GLY A 377 15.07 28.81 8.16
CA GLY A 377 15.25 27.70 9.09
C GLY A 377 14.95 26.37 8.42
N THR A 378 15.16 25.30 9.18
CA THR A 378 14.79 23.98 8.72
C THR A 378 13.57 23.48 9.51
N LEU A 379 13.04 22.34 9.06
CA LEU A 379 11.89 21.74 9.71
C LEU A 379 12.16 21.36 11.18
N GLN A 380 13.30 20.71 11.42
CA GLN A 380 13.70 20.35 12.78
C GLN A 380 13.84 21.57 13.68
N GLU A 381 14.37 22.67 13.13
CA GLU A 381 14.56 23.86 13.94
C GLU A 381 13.19 24.36 14.38
N TYR A 382 12.22 24.33 13.47
CA TYR A 382 10.83 24.70 13.81
C TYR A 382 10.33 23.84 14.98
N PHE A 383 10.38 22.52 14.82
CA PHE A 383 9.85 21.65 15.86
C PHE A 383 10.60 21.82 17.18
N ASP A 384 11.92 22.00 17.13
CA ASP A 384 12.66 22.15 18.41
C ASP A 384 12.17 23.39 19.17
N ALA A 385 11.93 24.48 18.45
CA ALA A 385 11.50 25.71 19.11
C ALA A 385 10.04 25.58 19.63
N VAL A 386 9.18 24.90 18.86
CA VAL A 386 7.81 24.62 19.33
C VAL A 386 7.86 23.86 20.65
N HIS A 387 8.71 22.84 20.72
CA HIS A 387 8.76 22.05 21.97
C HIS A 387 9.47 22.78 23.10
N GLN A 388 10.38 23.68 22.74
CA GLN A 388 10.93 24.57 23.79
C GLN A 388 9.82 25.44 24.39
N ALA A 389 8.92 25.96 23.55
CA ALA A 389 7.80 26.79 24.03
C ALA A 389 6.87 25.95 24.92
N GLU A 390 6.57 24.72 24.48
CA GLU A 390 5.81 23.73 25.26
C GLU A 390 6.38 23.48 26.67
N ARG A 391 7.66 23.15 26.75
CA ARG A 391 8.34 22.89 28.02
C ARG A 391 8.36 24.14 28.91
N ALA A 392 8.40 25.32 28.31
CA ALA A 392 8.32 26.56 29.08
C ALA A 392 6.89 26.79 29.64
N GLY A 393 5.95 25.89 29.35
CA GLY A 393 4.58 26.04 29.84
C GLY A 393 3.74 27.02 29.04
N GLN A 394 4.18 27.33 27.83
CA GLN A 394 3.53 28.32 27.00
C GLN A 394 2.33 27.76 26.20
N ALA A 395 2.25 26.42 26.10
CA ALA A 395 1.24 25.76 25.30
C ALA A 395 1.10 24.29 25.72
N GLU A 396 -0.12 23.77 25.64
CA GLU A 396 -0.37 22.32 25.77
C GLU A 396 -1.11 21.87 24.54
N PHE A 397 -0.85 20.65 24.10
CA PHE A 397 -1.42 20.26 22.82
C PHE A 397 -2.51 19.23 22.99
N PRO A 398 -3.54 19.28 22.13
CA PRO A 398 -4.61 18.26 22.17
C PRO A 398 -4.14 16.88 21.65
N THR A 399 -4.83 15.83 22.09
CA THR A 399 -4.64 14.48 21.58
C THR A 399 -5.67 14.22 20.49
N LEU A 400 -5.29 13.38 19.52
CA LEU A 400 -6.17 13.12 18.39
C LEU A 400 -5.98 11.68 17.97
N SER A 401 -7.08 11.00 17.56
CA SER A 401 -6.94 9.72 16.84
C SER A 401 -7.88 9.75 15.65
N GLY A 402 -7.63 8.87 14.67
CA GLY A 402 -8.48 8.83 13.47
C GLY A 402 -7.59 8.98 12.22
N ASP A 403 -8.23 9.08 11.07
CA ASP A 403 -7.51 9.32 9.82
C ASP A 403 -8.04 10.57 9.13
N PHE A 404 -7.50 10.84 7.95
CA PHE A 404 -7.81 12.01 7.15
C PHE A 404 -8.16 11.60 5.75
N PHE A 405 -9.05 10.59 5.64
CA PHE A 405 -9.67 10.24 4.38
C PHE A 405 -11.17 10.46 4.53
N THR A 406 -11.91 10.76 3.47
CA THR A 406 -11.41 10.98 2.12
C THR A 406 -11.23 12.46 1.92
N TYR A 407 -10.06 12.83 1.37
CA TYR A 407 -9.72 14.22 1.11
C TYR A 407 -10.59 14.89 0.05
N ALA A 408 -10.94 16.17 0.29
CA ALA A 408 -11.50 17.04 -0.76
C ALA A 408 -10.74 18.34 -0.67
N ASP A 409 -10.27 18.88 -1.80
CA ASP A 409 -9.53 20.14 -1.76
C ASP A 409 -10.46 21.34 -1.99
N ARG A 410 -11.63 21.08 -2.55
CA ARG A 410 -12.64 22.13 -2.76
C ARG A 410 -13.99 21.55 -3.13
N SER A 411 -15.04 22.31 -2.82
N SER A 411 -15.04 22.28 -2.79
CA SER A 411 -16.42 21.95 -3.19
CA SER A 411 -16.38 21.97 -3.29
C SER A 411 -16.74 20.47 -2.97
C SER A 411 -16.72 20.49 -3.00
N ASP A 412 -17.21 19.75 -3.99
CA ASP A 412 -17.55 18.35 -3.81
C ASP A 412 -16.47 17.48 -4.49
N ASN A 413 -15.28 18.03 -4.67
CA ASN A 413 -14.22 17.34 -5.42
C ASN A 413 -13.44 16.41 -4.46
N TYR A 414 -13.96 15.19 -4.26
CA TYR A 414 -13.38 14.26 -3.29
C TYR A 414 -12.46 13.34 -4.08
N TRP A 415 -11.30 13.06 -3.49
CA TRP A 415 -10.25 12.40 -4.22
C TRP A 415 -10.32 10.90 -3.94
N SER A 416 -11.44 10.29 -4.29
CA SER A 416 -11.58 8.86 -4.12
C SER A 416 -11.33 8.06 -5.42
N GLY A 417 -11.08 8.73 -6.55
CA GLY A 417 -10.89 8.00 -7.79
C GLY A 417 -9.58 7.23 -7.76
N TYR A 418 -8.56 7.86 -7.15
CA TYR A 418 -7.20 7.26 -7.14
C TYR A 418 -7.10 6.02 -6.24
N TYR A 419 -8.19 5.70 -5.55
CA TYR A 419 -8.25 4.47 -4.77
C TYR A 419 -8.37 3.28 -5.74
N THR A 420 -8.66 3.57 -7.01
CA THR A 420 -8.86 2.54 -8.01
C THR A 420 -8.05 2.71 -9.28
N SER A 421 -7.66 3.95 -9.61
CA SER A 421 -7.00 4.23 -10.90
C SER A 421 -5.82 3.33 -11.17
N ARG A 422 -5.71 2.84 -12.42
CA ARG A 422 -4.62 1.93 -12.84
C ARG A 422 -4.55 0.69 -11.92
N PRO A 423 -5.65 -0.06 -11.86
CA PRO A 423 -5.72 -1.18 -10.92
C PRO A 423 -4.77 -2.35 -11.29
N TYR A 424 -4.35 -2.48 -12.55
CA TYR A 424 -3.36 -3.50 -12.89
C TYR A 424 -2.12 -3.31 -12.01
N HIS A 425 -1.66 -2.06 -11.87
CA HIS A 425 -0.39 -1.81 -11.14
C HIS A 425 -0.57 -1.82 -9.63
N LYS A 426 -1.78 -1.46 -9.20
CA LYS A 426 -2.17 -1.66 -7.80
C LYS A 426 -2.08 -3.14 -7.41
N ARG A 427 -2.51 -4.05 -8.29
CA ARG A 427 -2.42 -5.46 -7.98
C ARG A 427 -0.96 -5.91 -8.07
N MET A 428 -0.26 -5.40 -9.09
CA MET A 428 1.17 -5.70 -9.23
C MET A 428 1.96 -5.32 -7.95
N ASP A 429 1.59 -4.21 -7.33
CA ASP A 429 2.25 -3.79 -6.08
C ASP A 429 2.21 -4.88 -5.03
N ARG A 430 1.04 -5.55 -4.90
CA ARG A 430 0.88 -6.51 -3.83
C ARG A 430 1.64 -7.81 -4.20
N VAL A 431 1.71 -8.12 -5.47
CA VAL A 431 2.50 -9.28 -5.92
C VAL A 431 3.99 -9.04 -5.61
N LEU A 432 4.48 -7.89 -6.03
CA LEU A 432 5.90 -7.59 -5.78
C LEU A 432 6.20 -7.47 -4.29
N MET A 433 5.25 -6.95 -3.53
CA MET A 433 5.41 -6.85 -2.08
C MET A 433 5.81 -8.21 -1.52
N HIS A 434 5.04 -9.23 -1.91
CA HIS A 434 5.25 -10.59 -1.41
C HIS A 434 6.54 -11.22 -1.95
N TYR A 435 6.85 -10.98 -3.24
CA TYR A 435 8.06 -11.57 -3.83
C TYR A 435 9.31 -10.95 -3.20
N VAL A 436 9.25 -9.67 -2.85
CA VAL A 436 10.39 -9.05 -2.17
C VAL A 436 10.58 -9.70 -0.79
N ARG A 437 9.46 -9.82 -0.05
CA ARG A 437 9.56 -10.51 1.24
C ARG A 437 10.13 -11.93 1.10
N ALA A 438 9.61 -12.70 0.14
CA ALA A 438 10.03 -14.11 0.03
C ALA A 438 11.50 -14.22 -0.40
N ALA A 439 11.92 -13.32 -1.32
CA ALA A 439 13.31 -13.32 -1.78
C ALA A 439 14.27 -12.93 -0.64
N GLU A 440 13.94 -11.89 0.11
CA GLU A 440 14.81 -11.52 1.24
C GLU A 440 14.89 -12.62 2.32
N MET A 441 13.75 -13.26 2.58
CA MET A 441 13.67 -14.28 3.60
C MET A 441 14.42 -15.56 3.15
N LEU A 442 14.12 -16.05 1.94
CA LEU A 442 14.79 -17.28 1.45
C LEU A 442 16.30 -17.15 1.41
N SER A 443 16.77 -15.98 1.01
CA SER A 443 18.20 -15.80 0.86
C SER A 443 18.87 -15.43 2.20
N ALA A 444 18.07 -14.99 3.19
CA ALA A 444 18.63 -14.61 4.53
C ALA A 444 19.27 -15.76 5.30
N TRP A 445 18.84 -16.99 5.01
CA TRP A 445 19.32 -18.17 5.75
C TRP A 445 20.82 -18.42 5.58
N HIS A 446 21.39 -18.00 4.47
CA HIS A 446 22.82 -18.16 4.23
C HIS A 446 23.48 -16.82 3.97
N SER A 447 24.80 -16.85 4.12
CA SER A 447 25.66 -15.82 3.63
C SER A 447 26.07 -16.20 2.18
N TRP A 448 26.08 -15.23 1.28
CA TRP A 448 26.34 -15.51 -0.14
C TRP A 448 27.62 -14.87 -0.59
N ASP A 449 28.38 -15.60 -1.40
CA ASP A 449 29.50 -15.01 -2.14
C ASP A 449 29.02 -13.83 -2.99
N GLY A 450 29.84 -12.78 -3.04
CA GLY A 450 29.55 -11.63 -3.87
C GLY A 450 29.23 -11.98 -5.31
N MET A 451 29.85 -13.04 -5.84
CA MET A 451 29.61 -13.42 -7.25
C MET A 451 28.17 -13.92 -7.48
N ALA A 452 27.44 -14.24 -6.41
CA ALA A 452 26.05 -14.71 -6.53
C ALA A 452 25.11 -13.56 -6.86
N ARG A 453 25.59 -12.33 -6.66
CA ARG A 453 24.83 -11.09 -6.96
C ARG A 453 23.50 -11.03 -6.22
N ILE A 454 23.44 -11.64 -5.03
CA ILE A 454 22.21 -11.67 -4.23
C ILE A 454 21.88 -10.27 -3.71
N GLU A 455 22.85 -9.60 -3.08
CA GLU A 455 22.61 -8.26 -2.54
C GLU A 455 22.22 -7.29 -3.65
N GLU A 456 22.89 -7.43 -4.79
CA GLU A 456 22.63 -6.59 -5.94
C GLU A 456 21.18 -6.71 -6.40
N ARG A 457 20.71 -7.95 -6.56
CA ARG A 457 19.34 -8.16 -7.08
C ARG A 457 18.30 -7.73 -6.07
N LEU A 458 18.56 -7.98 -4.78
CA LEU A 458 17.64 -7.59 -3.71
C LEU A 458 17.55 -6.07 -3.60
N GLU A 459 18.69 -5.39 -3.77
CA GLU A 459 18.66 -3.93 -3.70
C GLU A 459 17.84 -3.34 -4.86
N GLN A 460 18.00 -3.89 -6.06
CA GLN A 460 17.21 -3.42 -7.20
C GLN A 460 15.70 -3.65 -6.92
N ALA A 461 15.37 -4.85 -6.44
CA ALA A 461 13.97 -5.16 -6.18
C ALA A 461 13.37 -4.23 -5.10
N ARG A 462 14.06 -4.08 -3.97
CA ARG A 462 13.57 -3.16 -2.96
C ARG A 462 13.37 -1.74 -3.53
N ARG A 463 14.33 -1.31 -4.35
CA ARG A 463 14.28 0.10 -4.79
C ARG A 463 13.18 0.32 -5.81
N GLU A 464 12.94 -0.64 -6.70
CA GLU A 464 11.83 -0.40 -7.65
C GLU A 464 10.47 -0.47 -6.98
N LEU A 465 10.28 -1.41 -6.04
CA LEU A 465 9.02 -1.45 -5.27
C LEU A 465 8.88 -0.15 -4.42
N SER A 466 9.99 0.28 -3.83
CA SER A 466 9.97 1.50 -3.01
C SER A 466 9.59 2.71 -3.85
N LEU A 467 10.17 2.81 -5.04
CA LEU A 467 9.80 3.91 -5.93
C LEU A 467 8.30 3.95 -6.21
N PHE A 468 7.70 2.78 -6.42
CA PHE A 468 6.29 2.74 -6.81
C PHE A 468 5.36 3.19 -5.67
N GLN A 469 5.86 3.20 -4.42
CA GLN A 469 5.08 3.75 -3.30
C GLN A 469 4.83 5.24 -3.41
N HIS A 470 5.55 5.89 -4.31
CA HIS A 470 5.37 7.32 -4.55
C HIS A 470 3.86 7.66 -4.71
N HIS A 471 3.47 8.88 -4.32
CA HIS A 471 2.07 9.32 -4.42
C HIS A 471 1.58 9.62 -5.86
N ASP A 472 2.42 9.35 -6.89
CA ASP A 472 1.91 9.22 -8.27
C ASP A 472 2.17 7.87 -8.89
N GLY A 473 2.65 6.92 -8.10
CA GLY A 473 2.95 5.56 -8.61
C GLY A 473 1.73 4.67 -8.38
N ILE A 474 1.65 4.10 -7.18
CA ILE A 474 0.56 3.18 -6.83
C ILE A 474 -0.83 3.84 -6.92
N THR A 475 -0.86 5.16 -6.77
CA THR A 475 -2.13 5.93 -6.88
C THR A 475 -2.74 5.90 -8.30
N GLY A 476 -1.93 5.59 -9.31
CA GLY A 476 -2.41 5.61 -10.70
C GLY A 476 -2.70 7.04 -11.21
N THR A 477 -1.92 8.00 -10.73
CA THR A 477 -2.10 9.38 -11.17
C THR A 477 -0.96 9.90 -12.04
N ALA A 478 -0.16 9.00 -12.63
CA ALA A 478 0.92 9.45 -13.52
C ALA A 478 0.54 9.41 -15.00
N LYS A 479 1.28 10.12 -15.86
CA LYS A 479 1.04 9.99 -17.30
C LYS A 479 1.28 8.54 -17.77
N THR A 480 0.63 8.18 -18.88
CA THR A 480 0.76 6.86 -19.44
C THR A 480 2.20 6.38 -19.58
N HIS A 481 3.10 7.19 -20.13
CA HIS A 481 4.44 6.65 -20.33
C HIS A 481 5.21 6.47 -19.02
N VAL A 482 4.76 7.15 -17.98
CA VAL A 482 5.38 7.02 -16.65
C VAL A 482 4.88 5.74 -15.99
N VAL A 483 3.59 5.48 -16.12
CA VAL A 483 3.04 4.20 -15.68
C VAL A 483 3.80 3.05 -16.32
N VAL A 484 4.10 3.17 -17.62
CA VAL A 484 4.90 2.15 -18.32
C VAL A 484 6.28 1.97 -17.68
N ASP A 485 6.92 3.08 -17.35
CA ASP A 485 8.19 3.01 -16.69
C ASP A 485 8.09 2.29 -15.32
N TYR A 486 7.10 2.64 -14.53
CA TYR A 486 6.97 1.95 -13.23
C TYR A 486 6.71 0.46 -13.42
N GLU A 487 5.91 0.11 -14.43
CA GLU A 487 5.61 -1.30 -14.71
C GLU A 487 6.89 -2.06 -15.14
N GLN A 488 7.66 -1.48 -16.06
CA GLN A 488 8.93 -2.12 -16.48
C GLN A 488 9.88 -2.28 -15.31
N ARG A 489 9.99 -1.25 -14.47
CA ARG A 489 10.83 -1.33 -13.28
C ARG A 489 10.34 -2.46 -12.36
N MET A 490 9.02 -2.55 -12.13
CA MET A 490 8.51 -3.64 -11.28
C MET A 490 8.73 -5.04 -11.88
N GLN A 491 8.63 -5.13 -13.21
CA GLN A 491 8.86 -6.39 -13.90
C GLN A 491 10.27 -6.89 -13.73
N GLU A 492 11.24 -5.98 -13.91
CA GLU A 492 12.62 -6.31 -13.60
C GLU A 492 12.79 -6.71 -12.14
N ALA A 493 12.08 -6.03 -11.22
CA ALA A 493 12.17 -6.38 -9.81
C ALA A 493 11.65 -7.81 -9.58
N LEU A 494 10.55 -8.19 -10.23
CA LEU A 494 10.00 -9.55 -10.08
C LEU A 494 11.04 -10.59 -10.55
N LYS A 495 11.68 -10.31 -11.66
CA LYS A 495 12.70 -11.23 -12.19
C LYS A 495 13.91 -11.33 -11.25
N ALA A 496 14.30 -10.21 -10.64
CA ALA A 496 15.33 -10.22 -9.60
C ALA A 496 14.94 -11.11 -8.40
N CYS A 497 13.73 -10.92 -7.92
CA CYS A 497 13.21 -11.78 -6.82
C CYS A 497 13.20 -13.25 -7.23
N GLN A 498 12.71 -13.56 -8.42
CA GLN A 498 12.67 -14.97 -8.84
C GLN A 498 14.09 -15.56 -8.83
N MET A 499 15.07 -14.84 -9.38
CA MET A 499 16.45 -15.36 -9.44
C MET A 499 16.95 -15.69 -8.02
N VAL A 500 16.78 -14.74 -7.09
CA VAL A 500 17.25 -14.94 -5.73
C VAL A 500 16.50 -16.08 -5.02
N MET A 501 15.17 -16.12 -5.19
CA MET A 501 14.36 -17.17 -4.61
C MET A 501 14.85 -18.54 -5.09
N GLN A 502 15.02 -18.69 -6.41
CA GLN A 502 15.29 -20.02 -6.94
C GLN A 502 16.72 -20.47 -6.60
N GLN A 503 17.68 -19.53 -6.63
CA GLN A 503 19.02 -19.90 -6.14
C GLN A 503 18.95 -20.34 -4.69
N SER A 504 18.15 -19.63 -3.86
CA SER A 504 18.03 -19.98 -2.45
C SER A 504 17.40 -21.36 -2.23
N VAL A 505 16.34 -21.67 -2.98
CA VAL A 505 15.72 -23.00 -2.87
C VAL A 505 16.74 -24.12 -3.21
N TYR A 506 17.45 -23.92 -4.29
CA TYR A 506 18.44 -24.91 -4.73
C TYR A 506 19.50 -25.14 -3.63
N ARG A 507 19.97 -24.07 -3.01
CA ARG A 507 20.93 -24.23 -1.90
C ARG A 507 20.33 -24.88 -0.65
N LEU A 508 19.11 -24.50 -0.31
CA LEU A 508 18.49 -24.99 0.89
C LEU A 508 18.09 -26.46 0.81
N LEU A 509 17.88 -26.99 -0.39
CA LEU A 509 17.33 -28.33 -0.52
C LEU A 509 18.25 -29.27 -1.29
N THR A 510 19.54 -28.91 -1.42
CA THR A 510 20.51 -29.82 -2.06
C THR A 510 21.56 -30.26 -1.03
N LYS A 511 21.88 -31.55 -1.01
CA LYS A 511 22.97 -32.05 -0.12
C LYS A 511 24.18 -31.16 -0.25
N PRO A 512 24.70 -30.59 0.84
CA PRO A 512 25.77 -29.59 0.70
C PRO A 512 27.01 -30.08 -0.08
N SER A 513 27.40 -31.34 0.09
CA SER A 513 28.60 -31.82 -0.64
C SER A 513 28.37 -32.06 -2.15
N ILE A 514 27.14 -31.88 -2.61
CA ILE A 514 26.73 -32.07 -3.99
C ILE A 514 26.45 -30.70 -4.61
N TYR A 515 25.99 -29.76 -3.79
CA TYR A 515 25.57 -28.43 -4.25
C TYR A 515 26.68 -27.75 -5.09
N SER A 516 26.34 -27.38 -6.32
CA SER A 516 27.35 -26.88 -7.27
C SER A 516 26.78 -25.72 -8.08
N PRO A 517 26.63 -24.54 -7.48
CA PRO A 517 25.83 -23.51 -8.16
C PRO A 517 26.52 -22.77 -9.30
N ASP A 518 25.78 -22.58 -10.39
CA ASP A 518 26.08 -21.56 -11.37
C ASP A 518 25.09 -20.44 -11.03
N PHE A 519 25.62 -19.31 -10.57
CA PHE A 519 24.76 -18.21 -10.10
C PHE A 519 23.96 -17.50 -11.18
N SER A 520 24.21 -17.84 -12.44
CA SER A 520 23.45 -17.25 -13.53
C SER A 520 22.38 -18.22 -14.03
N PHE A 521 22.42 -19.46 -13.53
CA PHE A 521 21.56 -20.54 -14.01
C PHE A 521 20.20 -20.57 -13.33
N SER A 522 19.16 -21.02 -14.05
CA SER A 522 17.83 -21.13 -13.45
C SER A 522 17.49 -22.58 -13.11
N TYR A 523 17.73 -22.95 -11.85
CA TYR A 523 17.40 -24.28 -11.32
C TYR A 523 15.91 -24.52 -11.19
N PHE A 524 15.16 -23.45 -10.87
CA PHE A 524 13.71 -23.51 -10.79
C PHE A 524 13.10 -22.29 -11.46
N THR A 525 11.90 -22.47 -12.02
CA THR A 525 11.08 -21.31 -12.38
C THR A 525 9.91 -21.22 -11.41
N LEU A 526 9.52 -19.99 -11.09
CA LEU A 526 8.32 -19.78 -10.27
C LEU A 526 7.09 -20.01 -11.13
N ASP A 527 6.05 -20.56 -10.51
CA ASP A 527 4.76 -20.70 -11.16
C ASP A 527 3.77 -19.94 -10.30
N ASP A 528 3.12 -18.96 -10.86
CA ASP A 528 2.19 -18.14 -10.10
C ASP A 528 0.84 -18.20 -10.80
N SER A 529 -0.15 -18.78 -10.11
CA SER A 529 -1.50 -18.91 -10.70
C SER A 529 -2.30 -17.62 -10.81
N ARG A 530 -1.90 -16.57 -10.08
CA ARG A 530 -2.78 -15.40 -10.01
C ARG A 530 -2.10 -14.12 -10.46
N TRP A 531 -0.89 -14.23 -10.99
CA TRP A 531 -0.25 -13.04 -11.58
C TRP A 531 0.63 -13.46 -12.76
N PRO A 532 0.46 -12.84 -13.93
CA PRO A 532 -0.59 -11.85 -14.23
C PRO A 532 -2.01 -12.39 -14.24
N GLY A 533 -2.14 -13.72 -14.23
CA GLY A 533 -3.43 -14.38 -14.15
C GLY A 533 -3.90 -14.79 -15.53
N SER A 534 -4.64 -15.90 -15.57
CA SER A 534 -5.12 -16.53 -16.80
C SER A 534 -6.04 -15.53 -17.48
N GLY A 535 -5.77 -15.24 -18.77
CA GLY A 535 -6.47 -14.19 -19.49
C GLY A 535 -5.79 -12.82 -19.46
N VAL A 536 -4.73 -12.72 -18.65
CA VAL A 536 -3.89 -11.52 -18.64
C VAL A 536 -2.57 -11.80 -19.38
N GLU A 537 -2.06 -13.04 -19.26
CA GLU A 537 -0.81 -13.46 -19.90
C GLU A 537 -0.75 -14.99 -19.90
N ASP A 538 -0.52 -15.61 -21.07
CA ASP A 538 -0.33 -17.07 -21.08
C ASP A 538 1.09 -17.38 -20.60
N SER A 539 1.39 -16.94 -19.38
CA SER A 539 2.77 -16.92 -18.90
C SER A 539 3.12 -18.16 -18.06
N ARG A 540 2.09 -18.99 -17.80
CA ARG A 540 2.30 -20.22 -17.02
C ARG A 540 2.92 -21.34 -17.81
N THR A 541 4.02 -21.86 -17.28
CA THR A 541 4.67 -22.97 -17.95
C THR A 541 3.96 -24.28 -17.63
N THR A 542 3.93 -25.14 -18.63
CA THR A 542 3.32 -26.43 -18.50
C THR A 542 4.46 -27.39 -18.17
N ILE A 543 4.26 -28.22 -17.16
CA ILE A 543 5.25 -29.27 -16.87
C ILE A 543 5.06 -30.35 -17.92
N ILE A 544 6.11 -30.60 -18.71
CA ILE A 544 5.99 -31.49 -19.85
C ILE A 544 6.52 -32.88 -19.48
N LEU A 545 5.61 -33.83 -19.42
CA LEU A 545 5.93 -35.21 -19.03
C LEU A 545 5.56 -36.13 -20.20
N GLY A 546 6.22 -37.26 -20.34
CA GLY A 546 5.81 -38.20 -21.37
C GLY A 546 6.71 -39.41 -21.31
N GLU A 547 6.20 -40.56 -21.68
CA GLU A 547 6.98 -41.79 -21.68
C GLU A 547 8.27 -41.67 -22.49
N ASP A 548 8.22 -40.90 -23.56
CA ASP A 548 9.39 -40.75 -24.41
C ASP A 548 10.17 -39.48 -24.16
N ILE A 549 9.99 -38.85 -23.00
CA ILE A 549 10.77 -37.63 -22.72
C ILE A 549 11.16 -37.47 -21.24
N LEU A 550 10.19 -37.65 -20.35
CA LEU A 550 10.41 -37.36 -18.92
C LEU A 550 9.27 -37.90 -18.07
N PRO A 551 9.53 -38.91 -17.22
CA PRO A 551 8.46 -39.51 -16.41
C PRO A 551 7.95 -38.64 -15.23
N SER A 552 8.79 -37.77 -14.70
CA SER A 552 8.39 -37.11 -13.44
C SER A 552 9.08 -35.78 -13.27
N LYS A 553 8.58 -34.97 -12.33
CA LYS A 553 9.09 -33.62 -12.12
C LYS A 553 8.97 -33.28 -10.63
N HIS A 554 10.07 -32.77 -10.07
CA HIS A 554 10.06 -32.23 -8.71
C HIS A 554 9.54 -30.78 -8.69
N VAL A 555 8.71 -30.47 -7.71
CA VAL A 555 8.22 -29.11 -7.46
C VAL A 555 8.43 -28.83 -5.99
N VAL A 556 8.64 -27.56 -5.64
CA VAL A 556 8.89 -27.19 -4.26
C VAL A 556 7.98 -26.01 -3.88
N MET A 557 7.38 -26.08 -2.69
CA MET A 557 6.60 -24.96 -2.15
C MET A 557 7.32 -24.28 -1.01
N HIS A 558 7.27 -22.94 -0.97
CA HIS A 558 7.82 -22.13 0.16
C HIS A 558 6.65 -21.50 0.88
N ASN A 559 6.76 -21.49 2.21
CA ASN A 559 5.77 -20.84 3.06
C ASN A 559 6.44 -19.72 3.86
N THR A 560 6.24 -18.46 3.48
CA THR A 560 6.92 -17.37 4.18
C THR A 560 6.38 -17.06 5.60
N LEU A 561 5.19 -17.59 5.90
CA LEU A 561 4.54 -17.36 7.22
C LEU A 561 5.16 -18.26 8.27
N PRO A 562 5.29 -17.76 9.50
CA PRO A 562 5.91 -18.51 10.60
C PRO A 562 5.01 -19.50 11.32
N HIS A 563 4.15 -20.19 10.55
CA HIS A 563 3.41 -21.30 11.11
C HIS A 563 3.26 -22.36 10.01
N TRP A 564 3.08 -23.61 10.42
CA TRP A 564 2.75 -24.65 9.46
C TRP A 564 1.56 -24.25 8.63
N ARG A 565 1.61 -24.54 7.34
CA ARG A 565 0.48 -24.15 6.52
C ARG A 565 0.19 -25.22 5.49
N GLU A 566 -1.09 -25.53 5.35
CA GLU A 566 -1.55 -26.32 4.20
C GLU A 566 -2.28 -25.38 3.25
N GLN A 567 -2.11 -25.56 1.93
CA GLN A 567 -2.87 -24.78 0.96
C GLN A 567 -2.92 -25.63 -0.30
N LEU A 568 -4.05 -25.63 -1.00
CA LEU A 568 -4.07 -26.27 -2.34
C LEU A 568 -3.18 -25.48 -3.30
N VAL A 569 -2.38 -26.21 -4.09
CA VAL A 569 -1.53 -25.62 -5.12
C VAL A 569 -1.85 -26.28 -6.45
N ASP A 570 -1.75 -25.54 -7.54
CA ASP A 570 -1.99 -26.12 -8.86
C ASP A 570 -0.84 -25.92 -9.80
N PHE A 571 -0.70 -26.86 -10.76
CA PHE A 571 0.31 -26.72 -11.80
C PHE A 571 -0.32 -27.15 -13.11
N TYR A 572 0.18 -26.61 -14.21
CA TYR A 572 -0.18 -27.15 -15.52
C TYR A 572 0.72 -28.30 -15.87
N VAL A 573 0.11 -29.35 -16.40
CA VAL A 573 0.84 -30.57 -16.81
C VAL A 573 0.35 -31.03 -18.19
N SER A 574 1.20 -31.78 -18.91
CA SER A 574 0.90 -32.15 -20.30
C SER A 574 0.04 -33.42 -20.41
N SER A 575 -0.39 -33.97 -19.30
CA SER A 575 -1.21 -35.18 -19.33
C SER A 575 -2.16 -35.16 -18.14
N PRO A 576 -3.37 -35.71 -18.30
CA PRO A 576 -4.28 -35.80 -17.16
C PRO A 576 -3.90 -36.94 -16.20
N PHE A 577 -3.00 -37.82 -16.61
CA PHE A 577 -2.70 -39.03 -15.84
C PHE A 577 -1.44 -38.81 -15.03
N VAL A 578 -1.60 -38.02 -13.97
CA VAL A 578 -0.45 -37.56 -13.18
C VAL A 578 -0.79 -37.83 -11.73
N SER A 579 0.17 -38.34 -10.99
CA SER A 579 -0.07 -38.52 -9.59
C SER A 579 1.03 -37.86 -8.76
N VAL A 580 0.71 -37.55 -7.52
CA VAL A 580 1.58 -36.76 -6.66
C VAL A 580 2.09 -37.59 -5.50
N THR A 581 3.36 -37.47 -5.20
CA THR A 581 3.97 -38.06 -4.00
C THR A 581 4.77 -37.00 -3.26
N ASP A 582 5.01 -37.25 -1.99
CA ASP A 582 5.90 -36.41 -1.21
C ASP A 582 7.30 -36.99 -1.22
N LEU A 583 8.25 -36.46 -0.46
CA LEU A 583 9.58 -37.00 -0.69
C LEU A 583 9.88 -38.33 0.04
N ALA A 584 8.96 -38.74 0.91
CA ALA A 584 8.99 -40.14 1.39
C ALA A 584 8.23 -41.10 0.46
N ASN A 585 7.86 -40.62 -0.75
CA ASN A 585 7.11 -41.43 -1.70
C ASN A 585 5.72 -41.81 -1.22
N ASN A 586 5.19 -41.06 -0.27
CA ASN A 586 3.80 -41.24 0.17
C ASN A 586 2.90 -40.56 -0.87
N PRO A 587 1.85 -41.26 -1.30
CA PRO A 587 0.88 -40.66 -2.22
C PRO A 587 0.18 -39.48 -1.61
N VAL A 588 -0.14 -38.49 -2.45
CA VAL A 588 -0.87 -37.33 -2.01
C VAL A 588 -2.11 -37.23 -2.92
N GLU A 589 -3.26 -37.05 -2.31
CA GLU A 589 -4.51 -36.96 -3.06
C GLU A 589 -4.47 -35.74 -3.99
N ALA A 590 -4.92 -35.92 -5.23
CA ALA A 590 -4.84 -34.84 -6.20
C ALA A 590 -6.11 -34.82 -7.02
N GLN A 591 -6.37 -33.67 -7.64
CA GLN A 591 -7.53 -33.51 -8.52
C GLN A 591 -7.00 -32.92 -9.83
N VAL A 592 -7.47 -33.45 -10.96
CA VAL A 592 -7.15 -32.86 -12.27
C VAL A 592 -8.43 -32.23 -12.83
N SER A 593 -8.26 -31.06 -13.43
CA SER A 593 -9.34 -30.26 -14.04
C SER A 593 -8.78 -29.83 -15.38
N PRO A 594 -9.65 -29.42 -16.30
CA PRO A 594 -9.15 -28.87 -17.57
C PRO A 594 -8.55 -27.49 -17.37
N VAL A 595 -7.86 -27.03 -18.42
CA VAL A 595 -7.40 -25.67 -18.50
C VAL A 595 -8.40 -24.95 -19.39
N TRP A 596 -9.17 -24.06 -18.77
CA TRP A 596 -10.20 -23.26 -19.45
C TRP A 596 -9.75 -21.83 -19.69
N SER A 597 -9.87 -21.36 -20.93
N SER A 597 -9.90 -21.39 -20.94
CA SER A 597 -9.61 -19.95 -21.19
CA SER A 597 -9.57 -20.02 -21.32
C SER A 597 -10.82 -19.32 -21.82
C SER A 597 -10.85 -19.34 -21.82
N TRP A 598 -11.07 -18.08 -21.43
CA TRP A 598 -12.25 -17.36 -21.89
C TRP A 598 -11.93 -16.47 -23.07
N HIS A 599 -12.83 -16.45 -24.03
CA HIS A 599 -12.58 -15.72 -25.24
C HIS A 599 -13.76 -14.84 -25.57
N HIS A 600 -13.51 -13.59 -25.93
N HIS A 600 -13.48 -13.62 -26.00
CA HIS A 600 -14.57 -12.76 -26.46
CA HIS A 600 -14.53 -12.73 -26.47
C HIS A 600 -14.60 -13.06 -27.94
C HIS A 600 -14.63 -12.99 -27.96
N ASP A 601 -15.68 -13.71 -28.35
CA ASP A 601 -15.80 -14.23 -29.71
C ASP A 601 -16.44 -13.12 -30.58
N THR A 602 -15.64 -12.47 -31.42
CA THR A 602 -16.11 -11.33 -32.24
C THR A 602 -17.04 -11.76 -33.36
N LEU A 603 -17.05 -13.06 -33.66
CA LEU A 603 -17.99 -13.65 -34.62
C LEU A 603 -19.39 -13.86 -34.04
N THR A 604 -19.51 -14.69 -32.99
CA THR A 604 -20.82 -15.01 -32.39
C THR A 604 -21.28 -13.96 -31.40
N LYS A 605 -20.38 -13.03 -31.03
CA LYS A 605 -20.67 -11.96 -30.06
C LYS A 605 -21.04 -12.55 -28.69
N THR A 606 -20.29 -13.55 -28.28
CA THR A 606 -20.48 -14.16 -26.95
C THR A 606 -19.12 -14.23 -26.29
N ILE A 607 -19.14 -14.36 -24.96
CA ILE A 607 -17.93 -14.60 -24.19
C ILE A 607 -18.04 -16.03 -23.63
N HIS A 608 -17.10 -16.91 -24.03
CA HIS A 608 -17.30 -18.32 -23.74
C HIS A 608 -15.98 -19.03 -23.54
N PRO A 609 -15.98 -20.13 -22.81
CA PRO A 609 -14.71 -20.77 -22.49
C PRO A 609 -14.30 -21.86 -23.46
N GLN A 610 -12.99 -21.95 -23.70
CA GLN A 610 -12.40 -23.02 -24.52
C GLN A 610 -11.53 -23.88 -23.66
N GLY A 611 -11.59 -25.20 -23.85
CA GLY A 611 -10.72 -26.10 -23.10
C GLY A 611 -9.50 -26.55 -23.87
N SER A 612 -8.39 -26.72 -23.16
CA SER A 612 -7.18 -27.27 -23.80
C SER A 612 -7.33 -28.73 -24.03
N THR A 613 -6.80 -29.25 -25.16
CA THR A 613 -6.80 -30.68 -25.39
C THR A 613 -5.40 -31.28 -25.16
N THR A 614 -4.46 -30.45 -24.69
CA THR A 614 -3.10 -30.93 -24.41
C THR A 614 -2.51 -30.50 -23.07
N LYS A 615 -3.18 -29.60 -22.36
N LYS A 615 -3.18 -29.62 -22.35
CA LYS A 615 -2.70 -29.05 -21.08
CA LYS A 615 -2.66 -29.18 -21.06
C LYS A 615 -3.81 -29.30 -20.06
C LYS A 615 -3.78 -29.28 -20.06
N TYR A 616 -3.44 -29.67 -18.83
CA TYR A 616 -4.42 -29.91 -17.77
C TYR A 616 -3.92 -29.30 -16.47
N ARG A 617 -4.83 -29.09 -15.50
CA ARG A 617 -4.43 -28.55 -14.19
C ARG A 617 -4.42 -29.65 -13.14
N ILE A 618 -3.32 -29.83 -12.41
CA ILE A 618 -3.35 -30.75 -11.29
C ILE A 618 -3.29 -29.96 -9.98
N ILE A 619 -4.10 -30.37 -9.02
CA ILE A 619 -4.28 -29.61 -7.78
C ILE A 619 -4.06 -30.59 -6.62
N PHE A 620 -3.30 -30.19 -5.63
CA PHE A 620 -3.13 -31.02 -4.45
C PHE A 620 -2.82 -30.15 -3.25
N LYS A 621 -2.98 -30.74 -2.07
CA LYS A 621 -2.73 -30.01 -0.84
C LYS A 621 -1.27 -30.06 -0.46
N ALA A 622 -0.59 -28.90 -0.44
CA ALA A 622 0.80 -28.86 0.00
C ALA A 622 0.84 -28.52 1.50
N ARG A 623 1.75 -29.17 2.22
CA ARG A 623 1.90 -28.90 3.65
C ARG A 623 3.33 -28.49 3.88
N VAL A 624 3.50 -27.26 4.38
CA VAL A 624 4.82 -26.64 4.40
C VAL A 624 5.18 -26.12 5.78
N PRO A 625 6.42 -26.36 6.23
CA PRO A 625 6.83 -25.87 7.57
C PRO A 625 6.81 -24.33 7.70
N PRO A 626 6.85 -23.84 8.93
CA PRO A 626 6.94 -22.38 9.15
C PRO A 626 8.21 -21.87 8.46
N MET A 627 8.11 -20.79 7.68
CA MET A 627 9.27 -20.19 7.01
C MET A 627 10.11 -21.25 6.32
N GLY A 628 9.42 -22.21 5.65
CA GLY A 628 10.10 -23.42 5.21
C GLY A 628 9.74 -23.87 3.80
N LEU A 629 10.21 -25.06 3.45
CA LEU A 629 10.04 -25.61 2.10
C LEU A 629 9.60 -27.06 2.14
N ALA A 630 8.83 -27.46 1.14
CA ALA A 630 8.39 -28.84 1.03
C ALA A 630 8.43 -29.25 -0.44
N THR A 631 9.03 -30.43 -0.68
CA THR A 631 9.20 -30.95 -2.04
C THR A 631 8.17 -32.03 -2.38
N TYR A 632 7.62 -31.97 -3.59
CA TYR A 632 6.70 -33.03 -4.09
C TYR A 632 7.13 -33.48 -5.48
N VAL A 633 6.60 -34.62 -5.92
CA VAL A 633 6.96 -35.16 -7.23
C VAL A 633 5.67 -35.43 -7.99
N LEU A 634 5.63 -35.00 -9.24
CA LEU A 634 4.52 -35.32 -10.14
C LEU A 634 4.99 -36.37 -11.16
N THR A 635 4.25 -37.49 -11.26
CA THR A 635 4.68 -38.59 -12.11
C THR A 635 3.56 -38.95 -13.09
N ILE A 636 3.94 -39.18 -14.36
CA ILE A 636 2.92 -39.51 -15.35
C ILE A 636 2.67 -41.03 -15.27
N SER A 637 1.46 -41.45 -15.63
CA SER A 637 1.19 -42.89 -15.86
C SER A 637 0.37 -43.04 -17.13
N ASP A 638 0.18 -44.28 -17.59
CA ASP A 638 -0.50 -44.46 -18.86
C ASP A 638 -2.04 -44.41 -18.74
N SER A 639 -2.53 -44.41 -17.51
CA SER A 639 -3.96 -44.38 -17.24
C SER A 639 -4.23 -43.73 -15.88
N LYS A 640 -5.51 -43.61 -15.54
CA LYS A 640 -5.91 -42.97 -14.29
C LYS A 640 -5.22 -43.53 -13.05
N PRO A 641 -4.47 -42.68 -12.34
CA PRO A 641 -3.81 -43.07 -11.07
C PRO A 641 -4.79 -43.27 -9.93
N GLU A 642 -4.44 -44.12 -8.99
CA GLU A 642 -5.25 -44.40 -7.81
C GLU A 642 -5.63 -43.17 -6.97
N HIS A 643 -4.71 -42.23 -6.83
CA HIS A 643 -4.96 -41.12 -5.89
C HIS A 643 -5.25 -39.78 -6.57
N THR A 644 -5.63 -39.82 -7.84
CA THR A 644 -6.01 -38.62 -8.58
C THR A 644 -7.44 -38.77 -9.02
N SER A 645 -8.26 -37.76 -8.73
CA SER A 645 -9.64 -37.71 -9.23
C SER A 645 -9.77 -36.65 -10.33
N TYR A 646 -10.90 -36.66 -11.02
CA TYR A 646 -11.12 -35.77 -12.17
C TYR A 646 -12.40 -34.98 -11.97
N ALA A 647 -12.34 -33.67 -12.15
CA ALA A 647 -13.53 -32.84 -11.98
C ALA A 647 -14.55 -33.06 -13.10
N SER A 648 -15.82 -32.91 -12.80
N SER A 648 -15.82 -32.91 -12.79
CA SER A 648 -16.82 -32.83 -13.86
CA SER A 648 -16.85 -32.83 -13.82
C SER A 648 -16.91 -31.39 -14.31
C SER A 648 -16.93 -31.38 -14.30
N ASN A 649 -17.46 -31.17 -15.50
CA ASN A 649 -17.60 -29.83 -16.07
C ASN A 649 -18.95 -29.70 -16.74
N LEU A 650 -19.64 -28.61 -16.41
CA LEU A 650 -21.01 -28.38 -16.93
C LEU A 650 -21.02 -26.99 -17.53
N LEU A 651 -21.28 -26.91 -18.84
CA LEU A 651 -21.35 -25.64 -19.54
C LEU A 651 -22.82 -25.23 -19.72
N LEU A 652 -23.24 -24.12 -19.10
CA LEU A 652 -24.65 -23.71 -19.14
C LEU A 652 -24.83 -22.53 -20.10
N ARG A 653 -25.55 -22.79 -21.19
CA ARG A 653 -25.86 -21.79 -22.21
C ARG A 653 -26.86 -22.41 -23.17
N LYS A 654 -27.66 -21.56 -23.78
CA LYS A 654 -28.49 -22.04 -24.90
C LYS A 654 -27.54 -22.18 -26.11
N ASN A 655 -27.92 -22.98 -27.10
CA ASN A 655 -27.07 -23.08 -28.30
C ASN A 655 -25.64 -23.57 -28.02
N PRO A 656 -25.47 -24.67 -27.28
CA PRO A 656 -24.12 -25.13 -26.96
C PRO A 656 -23.51 -25.82 -28.19
N THR A 657 -22.19 -25.83 -28.22
CA THR A 657 -21.45 -26.61 -29.18
C THR A 657 -20.46 -27.44 -28.37
N SER A 658 -19.92 -28.46 -29.00
CA SER A 658 -19.04 -29.42 -28.34
C SER A 658 -17.80 -28.73 -27.72
N LEU A 659 -17.19 -29.42 -26.76
CA LEU A 659 -15.99 -28.92 -26.07
C LEU A 659 -15.11 -30.13 -25.78
N PRO A 660 -14.36 -30.56 -26.79
CA PRO A 660 -13.47 -31.74 -26.59
C PRO A 660 -12.31 -31.37 -25.65
N LEU A 661 -11.79 -32.35 -24.92
CA LEU A 661 -10.73 -32.09 -23.95
C LEU A 661 -9.56 -33.08 -24.04
N GLY A 662 -9.29 -33.62 -25.23
CA GLY A 662 -8.18 -34.54 -25.42
C GLY A 662 -8.31 -35.76 -24.56
N GLN A 663 -7.29 -36.07 -23.76
CA GLN A 663 -7.35 -37.30 -22.97
C GLN A 663 -8.14 -37.20 -21.68
N TYR A 664 -8.58 -35.99 -21.36
CA TYR A 664 -9.33 -35.79 -20.12
C TYR A 664 -10.45 -36.82 -20.03
N PRO A 665 -10.50 -37.57 -18.93
CA PRO A 665 -11.38 -38.75 -18.85
C PRO A 665 -12.89 -38.55 -18.68
N GLU A 666 -13.35 -37.32 -18.45
CA GLU A 666 -14.78 -37.06 -18.23
CA GLU A 666 -14.79 -37.05 -18.21
C GLU A 666 -15.28 -36.10 -19.29
N ASP A 667 -16.34 -36.47 -20.00
CA ASP A 667 -16.86 -35.61 -21.06
C ASP A 667 -17.56 -34.38 -20.47
N VAL A 668 -17.38 -33.24 -21.06
CA VAL A 668 -18.16 -32.04 -20.65
C VAL A 668 -19.68 -32.27 -20.84
N LYS A 669 -20.49 -31.81 -19.88
CA LYS A 669 -21.94 -31.84 -19.95
C LYS A 669 -22.48 -30.45 -20.26
N PHE A 670 -23.66 -30.40 -20.88
CA PHE A 670 -24.26 -29.14 -21.31
C PHE A 670 -25.67 -29.01 -20.76
N GLY A 671 -26.16 -27.77 -20.64
CA GLY A 671 -27.56 -27.53 -20.25
C GLY A 671 -27.95 -26.08 -20.40
N ASP A 672 -29.24 -25.80 -20.32
CA ASP A 672 -29.69 -24.42 -20.36
C ASP A 672 -29.32 -23.78 -19.03
N PRO A 673 -29.13 -22.46 -19.01
CA PRO A 673 -28.88 -21.75 -17.75
C PRO A 673 -29.92 -22.12 -16.69
N ARG A 674 -29.43 -22.28 -15.47
CA ARG A 674 -30.26 -22.68 -14.33
C ARG A 674 -29.57 -22.37 -13.01
N GLU A 675 -30.34 -22.24 -11.93
CA GLU A 675 -29.72 -22.08 -10.64
C GLU A 675 -28.94 -23.33 -10.24
N ILE A 676 -27.80 -23.12 -9.59
CA ILE A 676 -27.05 -24.27 -9.14
C ILE A 676 -26.55 -24.08 -7.71
N SER A 677 -26.24 -25.19 -7.06
N SER A 677 -26.27 -25.19 -7.04
CA SER A 677 -25.74 -25.19 -5.68
CA SER A 677 -25.69 -25.17 -5.71
C SER A 677 -24.51 -26.09 -5.60
C SER A 677 -24.47 -26.06 -5.66
N LEU A 678 -23.49 -25.66 -4.86
CA LEU A 678 -22.26 -26.42 -4.73
C LEU A 678 -21.80 -26.47 -3.27
N ARG A 679 -21.14 -27.55 -2.92
CA ARG A 679 -20.52 -27.67 -1.62
C ARG A 679 -19.26 -28.51 -1.74
N VAL A 680 -18.13 -27.97 -1.30
CA VAL A 680 -16.90 -28.70 -1.23
C VAL A 680 -16.61 -29.08 0.21
N GLY A 681 -16.26 -30.35 0.40
CA GLY A 681 -15.92 -30.90 1.71
C GLY A 681 -17.10 -30.73 2.64
N ASN A 682 -16.79 -30.29 3.85
CA ASN A 682 -17.82 -30.04 4.87
C ASN A 682 -18.09 -28.56 5.03
N GLY A 683 -17.65 -27.79 4.03
CA GLY A 683 -17.67 -26.34 4.12
C GLY A 683 -19.04 -25.80 3.82
N PRO A 684 -19.12 -24.52 3.50
CA PRO A 684 -20.42 -23.89 3.22
C PRO A 684 -21.03 -24.39 1.90
N THR A 685 -22.33 -24.23 1.75
CA THR A 685 -23.00 -24.54 0.50
C THR A 685 -23.35 -23.21 -0.15
N LEU A 686 -22.99 -23.02 -1.42
CA LEU A 686 -23.21 -21.76 -2.08
C LEU A 686 -24.22 -21.99 -3.20
N ALA A 687 -25.17 -21.09 -3.30
CA ALA A 687 -26.17 -21.12 -4.35
C ALA A 687 -25.93 -19.96 -5.29
N PHE A 688 -26.12 -20.24 -6.58
CA PHE A 688 -25.85 -19.29 -7.63
C PHE A 688 -27.09 -19.11 -8.48
N SER A 689 -27.26 -17.91 -9.00
CA SER A 689 -28.35 -17.60 -9.91
C SER A 689 -28.05 -18.24 -11.28
N GLU A 690 -29.05 -18.24 -12.16
CA GLU A 690 -28.82 -18.70 -13.52
C GLU A 690 -27.81 -17.84 -14.32
N GLN A 691 -27.41 -16.67 -13.80
CA GLN A 691 -26.37 -15.87 -14.44
C GLN A 691 -24.98 -16.13 -13.85
N GLY A 692 -24.89 -17.12 -12.97
CA GLY A 692 -23.59 -17.53 -12.47
C GLY A 692 -23.12 -16.69 -11.29
N LEU A 693 -24.02 -15.96 -10.65
CA LEU A 693 -23.63 -15.08 -9.53
C LEU A 693 -24.15 -15.60 -8.21
N LEU A 694 -23.32 -15.51 -7.17
CA LEU A 694 -23.75 -15.92 -5.81
C LEU A 694 -25.08 -15.29 -5.40
N LYS A 695 -25.96 -16.13 -4.81
CA LYS A 695 -27.25 -15.70 -4.29
C LYS A 695 -27.36 -15.95 -2.79
N SER A 696 -26.71 -17.01 -2.30
CA SER A 696 -26.81 -17.33 -0.87
C SER A 696 -25.67 -18.19 -0.37
N ILE A 697 -25.40 -18.10 0.94
CA ILE A 697 -24.40 -18.94 1.58
C ILE A 697 -25.07 -19.65 2.73
N GLN A 698 -24.93 -20.98 2.75
CA GLN A 698 -25.40 -21.76 3.87
C GLN A 698 -24.20 -22.34 4.62
N LEU A 699 -23.99 -21.91 5.86
CA LEU A 699 -22.76 -22.26 6.56
C LEU A 699 -22.65 -23.75 6.93
N THR A 700 -23.75 -24.31 7.44
CA THR A 700 -23.77 -25.71 7.87
C THR A 700 -25.03 -26.40 7.36
N GLN A 701 -25.12 -27.73 7.53
CA GLN A 701 -26.27 -28.51 7.06
C GLN A 701 -27.61 -27.96 7.55
N ASP A 702 -27.68 -27.60 8.83
CA ASP A 702 -28.95 -27.15 9.40
C ASP A 702 -29.41 -25.74 8.94
N SER A 703 -28.44 -24.90 8.58
CA SER A 703 -28.57 -23.46 8.73
C SER A 703 -29.35 -22.72 7.65
N PRO A 704 -29.77 -21.47 7.92
CA PRO A 704 -30.45 -20.66 6.90
C PRO A 704 -29.57 -20.48 5.67
N HIS A 705 -30.22 -20.38 4.53
CA HIS A 705 -29.54 -19.90 3.33
C HIS A 705 -29.50 -18.41 3.42
N VAL A 706 -28.37 -17.88 3.89
CA VAL A 706 -28.24 -16.43 4.13
C VAL A 706 -28.10 -15.71 2.79
N PRO A 707 -28.99 -14.76 2.49
CA PRO A 707 -28.91 -14.02 1.22
C PRO A 707 -27.60 -13.22 1.12
N VAL A 708 -26.83 -13.45 0.06
CA VAL A 708 -25.54 -12.78 -0.19
C VAL A 708 -25.46 -12.78 -1.72
N HIS A 709 -25.74 -11.65 -2.32
CA HIS A 709 -25.92 -11.55 -3.76
CA HIS A 709 -25.84 -11.59 -3.76
C HIS A 709 -24.78 -10.69 -4.35
N PHE A 710 -24.00 -11.22 -5.29
CA PHE A 710 -23.07 -10.37 -6.07
C PHE A 710 -23.83 -9.71 -7.25
N LYS A 711 -23.49 -8.46 -7.54
CA LYS A 711 -24.10 -7.72 -8.64
C LYS A 711 -23.02 -6.82 -9.20
N PHE A 712 -22.96 -6.68 -10.52
CA PHE A 712 -22.05 -5.71 -11.13
C PHE A 712 -22.84 -4.53 -11.65
N LEU A 713 -22.33 -3.32 -11.37
CA LEU A 713 -23.01 -2.08 -11.78
C LEU A 713 -22.01 -1.12 -12.38
N LYS A 714 -22.51 -0.04 -12.98
CA LYS A 714 -21.63 0.92 -13.58
C LYS A 714 -21.97 2.32 -13.14
N TYR A 715 -20.93 3.09 -12.86
CA TYR A 715 -21.04 4.52 -12.64
C TYR A 715 -20.62 5.24 -13.90
N GLY A 716 -21.23 6.42 -14.15
CA GLY A 716 -20.87 7.26 -15.27
C GLY A 716 -20.19 8.55 -14.84
N VAL A 717 -20.09 9.50 -15.79
CA VAL A 717 -19.43 10.79 -15.55
C VAL A 717 -20.45 11.86 -15.85
N ARG A 718 -20.34 13.01 -15.18
CA ARG A 718 -21.25 14.14 -15.38
C ARG A 718 -21.07 14.75 -16.78
N SER A 719 -22.18 15.16 -17.39
CA SER A 719 -22.11 15.79 -18.72
C SER A 719 -21.94 17.31 -18.63
N HIS A 720 -22.24 17.87 -17.46
CA HIS A 720 -21.98 19.26 -17.15
C HIS A 720 -21.37 19.32 -15.73
N GLY A 721 -20.53 20.32 -15.48
CA GLY A 721 -19.82 20.40 -14.21
C GLY A 721 -18.54 19.58 -14.24
N ASP A 722 -18.00 19.28 -13.08
CA ASP A 722 -16.63 18.75 -13.00
C ASP A 722 -16.64 17.28 -13.42
N ARG A 723 -15.58 16.87 -14.11
CA ARG A 723 -15.47 15.52 -14.66
C ARG A 723 -14.54 14.66 -13.78
N SER A 724 -14.91 13.40 -13.55
CA SER A 724 -14.00 12.43 -12.97
C SER A 724 -12.72 12.27 -13.79
N GLY A 725 -11.61 11.96 -13.11
CA GLY A 725 -10.31 11.80 -13.76
C GLY A 725 -9.51 10.84 -12.89
N ALA A 726 -8.20 10.77 -13.09
CA ALA A 726 -7.33 9.93 -12.29
C ALA A 726 -7.45 10.11 -10.76
N TYR A 727 -7.67 11.36 -10.31
CA TYR A 727 -7.78 11.64 -8.86
C TYR A 727 -9.22 11.59 -8.37
N LEU A 728 -10.11 12.31 -9.07
CA LEU A 728 -11.47 12.61 -8.55
C LEU A 728 -12.50 11.57 -9.00
N PHE A 729 -13.42 11.20 -8.09
CA PHE A 729 -14.55 10.36 -8.45
C PHE A 729 -15.77 11.30 -8.38
N LEU A 730 -16.37 11.59 -9.53
CA LEU A 730 -17.53 12.50 -9.58
C LEU A 730 -18.67 11.83 -10.35
N PRO A 731 -19.32 10.86 -9.71
CA PRO A 731 -20.32 10.06 -10.44
C PRO A 731 -21.54 10.89 -10.83
N ASN A 732 -22.20 10.47 -11.91
CA ASN A 732 -23.45 11.11 -12.30
C ASN A 732 -24.60 10.36 -11.66
N GLY A 733 -24.54 10.20 -10.34
CA GLY A 733 -25.60 9.53 -9.63
C GLY A 733 -25.19 8.12 -9.19
N PRO A 734 -26.08 7.44 -8.47
CA PRO A 734 -25.86 6.05 -8.09
C PRO A 734 -25.65 5.16 -9.33
N ALA A 735 -24.98 4.03 -9.12
CA ALA A 735 -24.62 3.13 -10.18
C ALA A 735 -25.87 2.46 -10.75
N SER A 736 -25.80 2.10 -12.03
CA SER A 736 -26.87 1.36 -12.73
C SER A 736 -26.42 -0.07 -13.01
N PRO A 737 -27.31 -1.05 -12.97
CA PRO A 737 -26.88 -2.44 -13.21
C PRO A 737 -26.29 -2.63 -14.62
N VAL A 738 -25.22 -3.43 -14.73
CA VAL A 738 -24.69 -3.83 -16.03
C VAL A 738 -25.74 -4.79 -16.63
N GLU A 739 -26.14 -4.55 -17.87
CA GLU A 739 -27.05 -5.48 -18.56
C GLU A 739 -26.22 -6.71 -18.93
N LEU A 740 -26.66 -7.87 -18.46
CA LEU A 740 -25.84 -9.08 -18.52
C LEU A 740 -26.18 -9.96 -19.71
N GLY A 741 -27.32 -9.71 -20.34
CA GLY A 741 -27.83 -10.61 -21.37
C GLY A 741 -28.04 -12.02 -20.82
N GLN A 742 -27.67 -13.03 -21.61
N GLN A 742 -27.60 -13.01 -21.60
CA GLN A 742 -27.72 -14.41 -21.16
CA GLN A 742 -27.72 -14.40 -21.19
C GLN A 742 -26.28 -14.96 -21.16
C GLN A 742 -26.29 -15.00 -21.15
N PRO A 743 -25.55 -14.74 -20.07
CA PRO A 743 -24.12 -15.11 -20.04
C PRO A 743 -23.89 -16.62 -19.98
N VAL A 744 -22.74 -17.03 -20.52
CA VAL A 744 -22.31 -18.43 -20.49
C VAL A 744 -21.70 -18.74 -19.13
N VAL A 745 -22.16 -19.82 -18.50
CA VAL A 745 -21.73 -20.17 -17.14
C VAL A 745 -21.06 -21.52 -17.13
N LEU A 746 -19.88 -21.60 -16.53
CA LEU A 746 -19.14 -22.85 -16.51
C LEU A 746 -18.99 -23.35 -15.08
N VAL A 747 -19.45 -24.57 -14.81
CA VAL A 747 -19.38 -25.15 -13.48
C VAL A 747 -18.41 -26.29 -13.51
N THR A 748 -17.39 -26.23 -12.65
CA THR A 748 -16.46 -27.35 -12.54
C THR A 748 -16.58 -27.87 -11.14
N LYS A 749 -16.86 -29.17 -10.99
CA LYS A 749 -17.12 -29.76 -9.68
C LYS A 749 -16.06 -30.85 -9.38
N GLY A 750 -15.27 -30.63 -8.33
CA GLY A 750 -14.24 -31.59 -7.97
C GLY A 750 -14.25 -31.85 -6.48
N LYS A 751 -13.50 -32.87 -6.07
CA LYS A 751 -13.48 -33.30 -4.69
C LYS A 751 -12.70 -32.27 -3.87
N LEU A 752 -11.68 -31.68 -4.50
CA LEU A 752 -10.80 -30.73 -3.79
C LEU A 752 -11.16 -29.29 -4.07
N GLU A 753 -11.69 -29.00 -5.26
CA GLU A 753 -11.91 -27.63 -5.72
C GLU A 753 -13.03 -27.64 -6.73
N SER A 754 -14.01 -26.80 -6.46
CA SER A 754 -15.07 -26.55 -7.43
C SER A 754 -15.15 -25.06 -7.75
N SER A 755 -15.83 -24.72 -8.84
CA SER A 755 -15.98 -23.31 -9.17
C SER A 755 -17.13 -23.05 -10.14
N VAL A 756 -17.59 -21.80 -10.14
CA VAL A 756 -18.57 -21.32 -11.09
C VAL A 756 -17.94 -20.08 -11.72
N SER A 757 -17.84 -20.07 -13.05
CA SER A 757 -17.26 -18.96 -13.77
C SER A 757 -18.27 -18.46 -14.81
N VAL A 758 -18.38 -17.15 -14.95
CA VAL A 758 -19.34 -16.56 -15.89
C VAL A 758 -18.67 -15.44 -16.66
N GLY A 759 -18.95 -15.38 -17.96
CA GLY A 759 -18.42 -14.34 -18.83
C GLY A 759 -19.40 -13.20 -18.93
N LEU A 760 -19.20 -12.20 -18.09
CA LEU A 760 -20.08 -11.02 -18.07
C LEU A 760 -19.42 -9.95 -18.93
N PRO A 761 -20.15 -8.93 -19.34
CA PRO A 761 -19.49 -7.85 -20.08
C PRO A 761 -18.45 -7.20 -19.17
N SER A 762 -17.21 -7.23 -19.64
CA SER A 762 -16.03 -6.58 -19.04
C SER A 762 -15.44 -7.38 -17.90
N VAL A 763 -16.08 -8.49 -17.51
CA VAL A 763 -15.61 -9.23 -16.34
C VAL A 763 -15.84 -10.73 -16.47
N VAL A 764 -14.79 -11.51 -16.41
CA VAL A 764 -15.00 -12.95 -16.21
C VAL A 764 -14.94 -13.15 -14.71
N HIS A 765 -16.06 -13.58 -14.12
CA HIS A 765 -16.28 -13.56 -12.66
C HIS A 765 -16.27 -15.00 -12.21
N GLN A 766 -15.41 -15.32 -11.24
N GLN A 766 -15.40 -15.33 -11.25
CA GLN A 766 -15.20 -16.70 -10.81
CA GLN A 766 -15.27 -16.71 -10.80
C GLN A 766 -15.36 -16.85 -9.31
C GLN A 766 -15.39 -16.84 -9.29
N THR A 767 -16.20 -17.80 -8.88
CA THR A 767 -16.31 -18.17 -7.48
C THR A 767 -15.70 -19.55 -7.29
N ILE A 768 -14.67 -19.63 -6.45
CA ILE A 768 -13.91 -20.86 -6.26
C ILE A 768 -14.08 -21.34 -4.82
N MET A 769 -14.30 -22.65 -4.68
CA MET A 769 -14.57 -23.28 -3.39
C MET A 769 -13.57 -24.39 -3.10
N ARG A 770 -12.92 -24.33 -1.93
N ARG A 770 -12.92 -24.33 -1.93
CA ARG A 770 -11.94 -25.34 -1.54
CA ARG A 770 -11.93 -25.33 -1.54
C ARG A 770 -12.29 -25.96 -0.18
C ARG A 770 -12.29 -25.96 -0.18
N GLY A 771 -13.47 -25.61 0.31
CA GLY A 771 -13.97 -26.16 1.56
C GLY A 771 -14.14 -25.16 2.68
N GLY A 772 -13.68 -23.91 2.48
CA GLY A 772 -13.92 -22.84 3.45
C GLY A 772 -14.51 -21.63 2.75
N ALA A 773 -14.08 -20.45 3.16
CA ALA A 773 -14.55 -19.20 2.54
C ALA A 773 -14.19 -19.27 1.04
N PRO A 774 -15.14 -18.93 0.17
CA PRO A 774 -14.81 -18.96 -1.26
C PRO A 774 -13.75 -17.89 -1.60
N GLU A 775 -13.13 -18.12 -2.75
CA GLU A 775 -12.25 -17.16 -3.37
C GLU A 775 -12.98 -16.60 -4.58
N ILE A 776 -12.89 -15.30 -4.78
CA ILE A 776 -13.48 -14.69 -5.96
C ILE A 776 -12.35 -14.21 -6.84
N ARG A 777 -12.41 -14.51 -8.14
CA ARG A 777 -11.46 -13.91 -9.09
C ARG A 777 -12.24 -13.20 -10.19
N ASN A 778 -11.87 -11.94 -10.46
CA ASN A 778 -12.44 -11.21 -11.55
C ASN A 778 -11.36 -10.88 -12.58
N LEU A 779 -11.50 -11.40 -13.79
CA LEU A 779 -10.68 -10.92 -14.91
C LEU A 779 -11.37 -9.71 -15.55
N VAL A 780 -10.87 -8.51 -15.21
CA VAL A 780 -11.55 -7.27 -15.53
C VAL A 780 -10.94 -6.63 -16.79
N ASP A 781 -11.76 -6.52 -17.84
CA ASP A 781 -11.31 -5.88 -19.07
C ASP A 781 -12.36 -4.90 -19.53
N ILE A 782 -12.23 -3.67 -19.06
CA ILE A 782 -13.20 -2.60 -19.33
C ILE A 782 -13.19 -2.17 -20.82
N GLY A 783 -12.17 -2.59 -21.58
CA GLY A 783 -12.28 -2.60 -23.03
C GLY A 783 -12.33 -1.15 -23.47
N SER A 784 -13.27 -0.78 -24.32
CA SER A 784 -13.33 0.62 -24.73
C SER A 784 -14.58 1.33 -24.19
N LEU A 785 -15.10 0.85 -23.07
CA LEU A 785 -16.21 1.54 -22.41
C LEU A 785 -15.77 2.87 -21.79
N ASP A 786 -15.79 3.94 -22.58
CA ASP A 786 -15.37 5.21 -22.06
C ASP A 786 -16.34 5.72 -20.99
N ASN A 787 -15.77 6.53 -20.11
CA ASN A 787 -16.51 7.18 -19.03
C ASN A 787 -17.34 6.22 -18.23
N THR A 788 -16.70 5.13 -17.85
CA THR A 788 -17.39 4.10 -17.10
C THR A 788 -16.51 3.63 -15.92
N GLU A 789 -17.14 3.42 -14.76
CA GLU A 789 -16.45 2.79 -13.62
C GLU A 789 -17.24 1.52 -13.29
N ILE A 790 -16.57 0.37 -13.27
CA ILE A 790 -17.27 -0.89 -13.01
C ILE A 790 -17.17 -1.21 -11.53
N VAL A 791 -18.31 -1.38 -10.84
CA VAL A 791 -18.30 -1.71 -9.39
C VAL A 791 -18.82 -3.11 -9.15
N MET A 792 -18.19 -3.83 -8.22
CA MET A 792 -18.76 -5.10 -7.74
C MET A 792 -19.43 -4.87 -6.39
N ARG A 793 -20.73 -5.18 -6.31
CA ARG A 793 -21.53 -4.96 -5.08
C ARG A 793 -21.99 -6.28 -4.49
N LEU A 794 -21.94 -6.35 -3.16
CA LEU A 794 -22.60 -7.41 -2.40
C LEU A 794 -23.86 -6.86 -1.69
N GLU A 795 -24.99 -7.56 -1.90
CA GLU A 795 -26.27 -7.17 -1.28
C GLU A 795 -26.64 -8.25 -0.26
N THR A 796 -26.82 -7.86 1.00
CA THR A 796 -27.19 -8.80 2.05
C THR A 796 -28.32 -8.16 2.84
N HIS A 797 -28.84 -8.92 3.79
CA HIS A 797 -29.87 -8.37 4.67
C HIS A 797 -29.30 -8.08 6.08
N ILE A 798 -27.96 -8.06 6.20
CA ILE A 798 -27.27 -7.69 7.43
C ILE A 798 -27.70 -6.28 7.83
N ASP A 799 -28.07 -6.13 9.10
CA ASP A 799 -28.59 -4.85 9.58
C ASP A 799 -27.44 -3.96 10.05
N SER A 800 -26.63 -3.51 9.08
CA SER A 800 -25.44 -2.72 9.42
C SER A 800 -25.74 -1.22 9.54
N GLY A 801 -26.89 -0.78 9.03
CA GLY A 801 -27.26 0.62 9.15
C GLY A 801 -26.36 1.51 8.36
N ASP A 802 -25.64 2.40 9.04
CA ASP A 802 -24.72 3.30 8.35
C ASP A 802 -23.25 3.02 8.70
N ILE A 803 -22.99 1.88 9.32
CA ILE A 803 -21.62 1.51 9.72
C ILE A 803 -20.98 0.49 8.82
N PHE A 804 -19.69 0.68 8.53
CA PHE A 804 -18.89 -0.35 7.87
C PHE A 804 -17.43 -0.16 8.28
N TYR A 805 -16.59 -1.13 7.93
CA TYR A 805 -15.20 -1.09 8.36
C TYR A 805 -14.34 -1.30 7.13
N THR A 806 -13.27 -0.49 7.05
CA THR A 806 -12.24 -0.66 6.00
C THR A 806 -10.87 -0.61 6.65
N ASP A 807 -9.84 -1.16 5.99
CA ASP A 807 -8.54 -1.13 6.62
C ASP A 807 -7.69 0.06 6.20
N LEU A 808 -6.64 0.29 6.98
CA LEU A 808 -5.66 1.32 6.65
C LEU A 808 -4.35 0.61 6.45
N ASN A 809 -3.87 0.63 5.20
CA ASN A 809 -2.56 0.09 4.84
C ASN A 809 -2.31 -1.36 5.23
N GLY A 810 -3.39 -2.14 5.31
CA GLY A 810 -3.21 -3.54 5.66
C GLY A 810 -2.76 -3.73 7.11
N LEU A 811 -2.94 -2.70 7.92
CA LEU A 811 -2.43 -2.72 9.30
C LEU A 811 -3.54 -2.77 10.36
N GLN A 812 -4.64 -2.10 10.08
CA GLN A 812 -5.67 -1.94 11.11
C GLN A 812 -6.99 -1.70 10.43
N PHE A 813 -8.08 -2.00 11.12
CA PHE A 813 -9.41 -1.74 10.58
C PHE A 813 -10.06 -0.60 11.37
N ILE A 814 -10.61 0.35 10.62
CA ILE A 814 -11.19 1.54 11.20
C ILE A 814 -12.70 1.59 10.87
N LYS A 815 -13.48 2.02 11.87
CA LYS A 815 -14.92 2.16 11.74
C LYS A 815 -15.21 3.37 10.86
N ARG A 816 -16.07 3.15 9.88
CA ARG A 816 -16.58 4.19 9.02
C ARG A 816 -18.05 4.36 9.29
N ARG A 817 -18.51 5.60 9.11
CA ARG A 817 -19.96 5.87 9.14
C ARG A 817 -20.33 6.59 7.84
N ARG A 818 -21.24 5.95 7.08
CA ARG A 818 -21.80 6.55 5.90
C ARG A 818 -22.55 7.82 6.32
N LEU A 819 -22.27 8.93 5.63
CA LEU A 819 -22.88 10.23 5.97
C LEU A 819 -23.68 10.74 4.78
N ASP A 820 -25.01 10.79 4.92
CA ASP A 820 -25.84 11.22 3.80
C ASP A 820 -25.74 12.73 3.60
N LYS A 821 -25.12 13.42 4.57
CA LYS A 821 -24.86 14.85 4.41
C LYS A 821 -23.69 15.12 3.45
N LEU A 822 -22.94 14.07 3.10
CA LEU A 822 -21.85 14.18 2.11
C LEU A 822 -22.26 13.47 0.80
N PRO A 823 -21.70 13.89 -0.33
CA PRO A 823 -22.00 13.23 -1.61
C PRO A 823 -21.45 11.80 -1.67
N LEU A 824 -21.97 11.01 -2.62
CA LEU A 824 -21.63 9.60 -2.74
C LEU A 824 -20.10 9.37 -2.70
N GLN A 825 -19.38 10.17 -3.47
CA GLN A 825 -17.92 9.94 -3.63
C GLN A 825 -17.13 10.23 -2.34
N ALA A 826 -17.76 10.97 -1.41
CA ALA A 826 -17.12 11.22 -0.10
C ALA A 826 -17.21 10.02 0.81
N ASN A 827 -18.20 9.18 0.53
CA ASN A 827 -18.42 7.95 1.30
C ASN A 827 -17.61 6.75 0.80
N TYR A 828 -16.84 6.98 -0.27
CA TYR A 828 -15.81 6.03 -0.74
C TYR A 828 -14.54 6.19 0.08
N TYR A 829 -13.96 5.05 0.46
CA TYR A 829 -12.75 4.98 1.25
C TYR A 829 -11.76 4.04 0.60
N PRO A 830 -10.47 4.15 0.92
CA PRO A 830 -9.52 3.16 0.41
C PRO A 830 -9.89 1.76 0.96
N ILE A 831 -9.79 0.73 0.12
CA ILE A 831 -9.87 -0.65 0.62
C ILE A 831 -8.53 -1.33 0.34
N PRO A 832 -7.46 -0.95 1.06
CA PRO A 832 -6.16 -1.52 0.72
C PRO A 832 -6.08 -3.01 0.91
N SER A 833 -6.90 -3.63 1.79
CA SER A 833 -6.83 -5.09 1.90
C SER A 833 -8.14 -5.75 2.40
N GLY A 834 -9.10 -4.97 2.92
CA GLY A 834 -10.32 -5.62 3.41
C GLY A 834 -11.39 -4.67 3.85
N MET A 835 -12.63 -5.14 3.85
CA MET A 835 -13.73 -4.35 4.40
C MET A 835 -14.80 -5.30 4.97
N PHE A 836 -15.61 -4.80 5.90
CA PHE A 836 -16.68 -5.65 6.45
C PHE A 836 -17.87 -4.84 6.93
N ILE A 837 -19.02 -5.50 6.94
CA ILE A 837 -20.21 -5.01 7.63
C ILE A 837 -20.66 -6.05 8.61
N GLU A 838 -21.32 -5.61 9.69
CA GLU A 838 -21.85 -6.60 10.66
C GLU A 838 -23.07 -6.05 11.38
N ASP A 839 -23.88 -6.94 11.93
CA ASP A 839 -24.89 -6.53 12.91
C ASP A 839 -24.63 -7.31 14.19
N ALA A 840 -25.65 -7.48 15.04
CA ALA A 840 -25.35 -8.17 16.29
C ALA A 840 -24.94 -9.66 16.09
N ASN A 841 -25.42 -10.28 15.00
CA ASN A 841 -25.25 -11.71 14.80
C ASN A 841 -24.33 -12.13 13.66
N THR A 842 -24.30 -11.31 12.61
CA THR A 842 -23.73 -11.73 11.34
C THR A 842 -22.72 -10.70 10.83
N ARG A 843 -21.62 -11.24 10.30
CA ARG A 843 -20.62 -10.37 9.63
C ARG A 843 -20.32 -10.92 8.22
N LEU A 844 -20.09 -10.00 7.29
CA LEU A 844 -19.56 -10.38 5.97
C LEU A 844 -18.28 -9.57 5.74
N THR A 845 -17.17 -10.30 5.53
CA THR A 845 -15.88 -9.67 5.27
C THR A 845 -15.42 -9.97 3.85
N LEU A 846 -14.97 -8.93 3.14
CA LEU A 846 -14.40 -9.15 1.80
C LEU A 846 -12.92 -8.74 1.91
N LEU A 847 -12.04 -9.71 1.71
CA LEU A 847 -10.60 -9.46 1.73
C LEU A 847 -10.13 -9.29 0.29
N THR A 848 -9.15 -8.42 0.07
CA THR A 848 -8.64 -8.17 -1.30
C THR A 848 -7.16 -8.53 -1.50
N GLY A 849 -6.79 -8.85 -2.76
CA GLY A 849 -5.37 -9.01 -3.10
C GLY A 849 -4.79 -7.76 -3.76
N GLN A 850 -5.50 -6.64 -3.68
CA GLN A 850 -5.08 -5.38 -4.34
C GLN A 850 -5.89 -4.23 -3.71
N PRO A 851 -5.31 -3.05 -3.62
CA PRO A 851 -6.04 -1.87 -3.14
C PRO A 851 -7.03 -1.35 -4.17
N LEU A 852 -8.27 -1.10 -3.76
CA LEU A 852 -9.27 -0.58 -4.67
C LEU A 852 -10.14 0.34 -3.80
N GLY A 853 -11.02 1.15 -4.37
CA GLY A 853 -11.91 1.97 -3.58
C GLY A 853 -13.24 1.28 -3.30
N GLY A 854 -13.86 1.65 -2.19
CA GLY A 854 -15.13 1.04 -1.92
C GLY A 854 -15.92 1.74 -0.84
N SER A 855 -17.07 1.15 -0.50
CA SER A 855 -17.99 1.79 0.45
C SER A 855 -19.06 0.78 0.85
N SER A 856 -19.98 1.28 1.66
CA SER A 856 -21.26 0.61 1.97
C SER A 856 -22.29 1.73 1.86
N LEU A 857 -22.95 1.81 0.70
CA LEU A 857 -23.83 2.95 0.42
C LEU A 857 -25.25 2.73 0.95
N ALA A 858 -25.49 1.55 1.48
CA ALA A 858 -26.79 1.26 2.09
C ALA A 858 -26.61 0.10 3.05
N SER A 859 -27.47 0.04 4.06
CA SER A 859 -27.41 -1.02 5.06
C SER A 859 -27.43 -2.35 4.32
N GLY A 860 -26.54 -3.24 4.74
CA GLY A 860 -26.46 -4.60 4.21
C GLY A 860 -25.55 -4.70 2.98
N GLU A 861 -25.02 -3.57 2.51
CA GLU A 861 -24.21 -3.61 1.28
C GLU A 861 -22.69 -3.46 1.50
N LEU A 862 -21.94 -4.04 0.58
CA LEU A 862 -20.49 -3.73 0.43
C LEU A 862 -20.30 -3.51 -1.06
N GLU A 863 -19.44 -2.56 -1.45
CA GLU A 863 -19.12 -2.49 -2.86
C GLU A 863 -17.66 -2.06 -3.04
N ILE A 864 -17.06 -2.47 -4.16
CA ILE A 864 -15.66 -2.19 -4.39
C ILE A 864 -15.42 -2.03 -5.89
N MET A 865 -14.79 -0.94 -6.27
CA MET A 865 -14.62 -0.61 -7.67
C MET A 865 -13.57 -1.51 -8.33
N GLN A 866 -13.82 -1.94 -9.57
CA GLN A 866 -12.91 -2.86 -10.23
C GLN A 866 -11.98 -2.15 -11.19
N ASP A 867 -12.51 -1.21 -11.96
CA ASP A 867 -11.67 -0.40 -12.89
C ASP A 867 -12.48 0.79 -13.34
N ARG A 868 -11.79 1.76 -13.91
CA ARG A 868 -12.43 3.00 -14.33
C ARG A 868 -11.70 3.51 -15.57
N ARG A 869 -12.49 3.91 -16.54
CA ARG A 869 -11.96 4.41 -17.80
C ARG A 869 -12.62 5.73 -18.09
N LEU A 870 -11.81 6.77 -18.13
CA LEU A 870 -12.31 8.13 -18.09
C LEU A 870 -11.69 8.94 -19.23
N ALA A 871 -12.56 9.52 -20.08
CA ALA A 871 -12.08 10.27 -21.24
C ALA A 871 -11.52 11.62 -20.85
N SER A 872 -12.01 12.18 -19.74
CA SER A 872 -11.62 13.54 -19.39
C SER A 872 -10.54 13.67 -18.32
N ASP A 873 -9.81 14.78 -18.40
CA ASP A 873 -8.85 15.15 -17.36
C ASP A 873 -9.65 15.83 -16.23
N ASP A 874 -9.16 15.77 -14.99
CA ASP A 874 -9.87 16.35 -13.83
C ASP A 874 -9.16 17.56 -13.25
N GLU A 875 -8.39 18.24 -14.11
CA GLU A 875 -7.93 19.59 -13.82
C GLU A 875 -7.04 19.68 -12.59
N ARG A 876 -6.22 18.66 -12.37
CA ARG A 876 -5.26 18.72 -11.24
C ARG A 876 -3.81 18.81 -11.76
N GLY A 877 -3.62 18.79 -13.07
CA GLY A 877 -2.31 18.94 -13.67
C GLY A 877 -1.78 17.73 -14.44
N LEU A 878 -2.50 16.61 -14.36
CA LEU A 878 -2.07 15.38 -15.07
C LEU A 878 -2.20 15.56 -16.60
N GLY A 879 -3.22 16.30 -17.02
CA GLY A 879 -3.37 16.63 -18.44
C GLY A 879 -3.75 15.44 -19.32
N GLN A 880 -4.43 14.44 -18.74
CA GLN A 880 -5.03 13.34 -19.50
C GLN A 880 -6.11 12.66 -18.66
N GLY A 881 -6.95 11.91 -19.33
CA GLY A 881 -7.88 11.01 -18.66
C GLY A 881 -7.19 9.69 -18.40
N VAL A 882 -8.00 8.66 -18.17
CA VAL A 882 -7.48 7.33 -17.91
C VAL A 882 -8.01 6.42 -19.00
N LEU A 883 -7.20 6.23 -20.03
CA LEU A 883 -7.67 5.44 -21.18
C LEU A 883 -6.69 4.34 -21.51
N ASP A 884 -5.82 4.00 -20.56
CA ASP A 884 -4.77 3.01 -20.80
C ASP A 884 -5.00 1.71 -20.03
N ASN A 885 -6.28 1.42 -19.78
CA ASN A 885 -6.69 0.21 -19.07
C ASN A 885 -6.17 -1.04 -19.74
N LYS A 886 -5.87 -2.04 -18.93
CA LYS A 886 -5.48 -3.35 -19.43
C LYS A 886 -6.10 -4.44 -18.55
N PRO A 887 -6.30 -5.63 -19.09
CA PRO A 887 -6.89 -6.72 -18.29
C PRO A 887 -6.13 -6.94 -16.98
N VAL A 888 -6.88 -7.02 -15.89
CA VAL A 888 -6.33 -7.28 -14.58
C VAL A 888 -7.13 -8.38 -13.91
N LEU A 889 -6.43 -9.26 -13.19
CA LEU A 889 -7.08 -10.31 -12.40
C LEU A 889 -7.12 -9.86 -10.95
N HIS A 890 -8.29 -9.42 -10.50
CA HIS A 890 -8.48 -9.03 -9.09
C HIS A 890 -8.87 -10.25 -8.31
N ILE A 891 -8.34 -10.40 -7.10
CA ILE A 891 -8.63 -11.57 -6.26
C ILE A 891 -9.18 -11.18 -4.91
N TYR A 892 -10.03 -12.03 -4.35
CA TYR A 892 -10.72 -11.77 -3.09
C TYR A 892 -10.94 -13.04 -2.32
N ARG A 893 -11.21 -12.88 -1.02
CA ARG A 893 -11.88 -13.98 -0.29
C ARG A 893 -13.15 -13.41 0.36
N LEU A 894 -14.19 -14.21 0.47
CA LEU A 894 -15.48 -13.73 0.95
C LEU A 894 -15.87 -14.59 2.16
N VAL A 895 -15.86 -13.96 3.33
CA VAL A 895 -16.08 -14.66 4.60
C VAL A 895 -17.38 -14.20 5.27
N LEU A 896 -18.38 -15.08 5.27
CA LEU A 896 -19.63 -14.85 6.00
C LEU A 896 -19.51 -15.63 7.32
N GLU A 897 -19.78 -14.96 8.46
CA GLU A 897 -19.54 -15.61 9.76
C GLU A 897 -20.58 -15.18 10.78
N LYS A 898 -20.89 -16.08 11.71
N LYS A 898 -20.90 -16.07 11.71
CA LYS A 898 -21.62 -15.69 12.89
CA LYS A 898 -21.64 -15.67 12.89
C LYS A 898 -20.69 -14.98 13.89
C LYS A 898 -20.69 -14.97 13.87
N VAL A 899 -21.11 -13.83 14.41
CA VAL A 899 -20.26 -13.07 15.33
C VAL A 899 -20.94 -12.79 16.67
N ASN A 900 -22.09 -13.42 16.91
CA ASN A 900 -22.84 -13.09 18.12
C ASN A 900 -22.06 -13.48 19.40
N ASN A 901 -21.11 -14.39 19.27
CA ASN A 901 -20.32 -14.87 20.39
C ASN A 901 -18.97 -14.17 20.53
N CYS A 902 -18.64 -13.30 19.59
CA CYS A 902 -17.33 -12.66 19.56
C CYS A 902 -17.29 -11.53 20.58
N VAL A 903 -16.18 -11.40 21.28
CA VAL A 903 -15.97 -10.26 22.16
C VAL A 903 -15.53 -9.06 21.27
N ARG A 904 -16.44 -8.14 21.02
CA ARG A 904 -16.18 -7.00 20.14
C ARG A 904 -15.98 -5.73 20.93
N PRO A 905 -15.36 -4.71 20.32
CA PRO A 905 -15.29 -3.41 20.99
C PRO A 905 -16.70 -2.86 21.23
N SER A 906 -16.81 -2.00 22.25
CA SER A 906 -18.04 -1.28 22.52
C SER A 906 -18.48 -0.38 21.36
N LYS A 907 -19.71 0.11 21.43
CA LYS A 907 -20.27 0.89 20.32
C LYS A 907 -19.48 2.17 20.08
N LEU A 908 -18.75 2.63 21.09
CA LEU A 908 -18.03 3.90 20.95
C LEU A 908 -16.56 3.73 20.51
N HIS A 909 -16.11 2.50 20.39
CA HIS A 909 -14.71 2.26 20.01
C HIS A 909 -14.57 2.53 18.51
N PRO A 910 -13.54 3.27 18.10
CA PRO A 910 -13.35 3.56 16.65
C PRO A 910 -12.71 2.44 15.81
N ALA A 911 -12.28 1.33 16.43
CA ALA A 911 -11.65 0.26 15.64
C ALA A 911 -12.55 -0.93 15.49
N GLY A 912 -12.19 -1.79 14.54
CA GLY A 912 -12.73 -3.13 14.48
C GLY A 912 -11.59 -4.12 14.25
N TYR A 913 -11.88 -5.41 14.44
CA TYR A 913 -10.86 -6.48 14.34
C TYR A 913 -11.38 -7.68 13.57
N LEU A 914 -10.50 -8.30 12.80
CA LEU A 914 -10.86 -9.51 12.06
C LEU A 914 -11.02 -10.70 13.00
N THR A 915 -11.72 -11.72 12.50
CA THR A 915 -11.68 -13.04 13.10
C THR A 915 -10.49 -13.81 12.56
N SER A 916 -10.21 -14.96 13.17
CA SER A 916 -9.16 -15.86 12.72
C SER A 916 -9.36 -16.22 11.24
N ALA A 917 -10.59 -16.60 10.86
CA ALA A 917 -10.78 -17.07 9.47
C ALA A 917 -10.55 -15.94 8.48
N ALA A 918 -11.00 -14.73 8.84
CA ALA A 918 -10.84 -13.59 7.90
C ALA A 918 -9.36 -13.19 7.77
N HIS A 919 -8.63 -13.25 8.87
CA HIS A 919 -7.20 -12.92 8.86
C HIS A 919 -6.46 -13.98 8.01
N LYS A 920 -6.76 -15.26 8.23
CA LYS A 920 -6.07 -16.29 7.43
C LYS A 920 -6.45 -16.11 5.93
N ALA A 921 -7.70 -15.75 5.65
CA ALA A 921 -8.12 -15.50 4.27
C ALA A 921 -7.29 -14.36 3.66
N SER A 922 -7.06 -13.31 4.42
CA SER A 922 -6.24 -12.18 3.90
C SER A 922 -4.83 -12.69 3.62
N GLN A 923 -4.26 -13.45 4.55
CA GLN A 923 -2.91 -14.02 4.32
C GLN A 923 -2.83 -14.90 3.08
N SER A 924 -3.90 -15.62 2.78
CA SER A 924 -3.89 -16.50 1.62
C SER A 924 -3.82 -15.70 0.33
N LEU A 925 -4.30 -14.45 0.38
CA LEU A 925 -4.24 -13.61 -0.83
C LEU A 925 -2.90 -12.86 -0.92
N LEU A 926 -2.40 -12.35 0.21
CA LEU A 926 -1.22 -11.48 0.16
C LEU A 926 0.10 -12.25 0.17
N ASP A 927 0.11 -13.37 0.88
CA ASP A 927 1.35 -14.17 1.04
C ASP A 927 1.08 -15.66 0.87
N PRO A 928 0.68 -16.06 -0.34
CA PRO A 928 0.36 -17.46 -0.60
C PRO A 928 1.66 -18.29 -0.58
N LEU A 929 1.54 -19.60 -0.64
CA LEU A 929 2.73 -20.42 -0.90
C LEU A 929 3.36 -20.01 -2.22
N ASP A 930 4.68 -20.02 -2.27
CA ASP A 930 5.41 -19.90 -3.54
C ASP A 930 5.65 -21.26 -4.15
N LYS A 931 5.57 -21.35 -5.47
CA LYS A 931 5.72 -22.64 -6.13
C LYS A 931 6.87 -22.60 -7.10
N PHE A 932 7.74 -23.60 -7.02
CA PHE A 932 8.93 -23.66 -7.87
C PHE A 932 8.93 -24.98 -8.66
N ILE A 933 9.27 -24.91 -9.93
CA ILE A 933 9.31 -26.10 -10.78
C ILE A 933 10.75 -26.34 -11.16
N PHE A 934 11.28 -27.54 -10.87
CA PHE A 934 12.67 -27.80 -11.21
C PHE A 934 12.87 -27.79 -12.74
N ALA A 935 13.86 -27.02 -13.23
CA ALA A 935 13.93 -26.75 -14.67
C ALA A 935 14.58 -27.87 -15.51
N GLU A 936 15.56 -28.58 -14.94
CA GLU A 936 16.36 -29.64 -15.57
CA GLU A 936 16.22 -29.60 -15.73
C GLU A 936 15.62 -31.00 -15.48
N ASN A 937 16.17 -32.03 -16.11
CA ASN A 937 15.49 -33.33 -15.99
C ASN A 937 15.63 -33.98 -14.65
N GLU A 938 16.82 -33.85 -14.05
CA GLU A 938 17.09 -34.52 -12.78
C GLU A 938 17.79 -33.62 -11.76
N TRP A 939 17.27 -33.64 -10.53
CA TRP A 939 17.82 -32.81 -9.46
C TRP A 939 18.60 -33.72 -8.54
N ILE A 940 19.92 -33.70 -8.67
CA ILE A 940 20.77 -34.64 -7.94
C ILE A 940 21.00 -34.07 -6.54
N GLY A 941 20.81 -34.89 -5.51
CA GLY A 941 21.04 -34.49 -4.14
C GLY A 941 19.85 -33.77 -3.50
N ALA A 942 18.70 -33.83 -4.18
CA ALA A 942 17.49 -33.17 -3.71
C ALA A 942 17.04 -33.64 -2.35
N GLN A 943 16.54 -32.71 -1.53
CA GLN A 943 16.03 -33.06 -0.21
C GLN A 943 14.54 -32.70 -0.10
N GLY A 944 13.82 -33.31 0.85
CA GLY A 944 12.37 -33.21 0.89
C GLY A 944 11.77 -32.03 1.62
N GLN A 945 12.52 -31.46 2.55
CA GLN A 945 11.90 -30.44 3.42
C GLN A 945 12.98 -29.55 4.03
N PHE A 946 12.67 -28.28 4.24
CA PHE A 946 13.51 -27.36 4.99
C PHE A 946 12.62 -26.66 6.05
N GLY A 947 13.14 -26.49 7.27
CA GLY A 947 12.43 -25.72 8.28
C GLY A 947 11.50 -26.52 9.16
N GLY A 948 11.53 -27.85 9.11
CA GLY A 948 10.63 -28.64 9.92
C GLY A 948 10.80 -28.41 11.41
N ASP A 949 11.96 -27.87 11.80
CA ASP A 949 12.23 -27.56 13.19
C ASP A 949 11.99 -26.07 13.56
N HIS A 950 11.52 -25.27 12.60
CA HIS A 950 11.19 -23.86 12.90
C HIS A 950 9.93 -23.80 13.78
N PRO A 951 9.91 -22.92 14.79
CA PRO A 951 8.75 -22.82 15.68
C PRO A 951 7.54 -22.40 14.89
N SER A 952 6.41 -23.01 15.23
CA SER A 952 5.15 -22.67 14.59
C SER A 952 4.41 -21.72 15.51
N ALA A 953 4.56 -20.42 15.22
CA ALA A 953 4.05 -19.33 16.05
C ALA A 953 2.54 -19.20 16.06
N ARG A 954 2.02 -18.64 17.15
CA ARG A 954 0.61 -18.30 17.21
C ARG A 954 0.12 -17.56 15.95
N GLU A 955 -1.12 -17.85 15.54
CA GLU A 955 -1.66 -17.40 14.25
C GLU A 955 -1.72 -15.88 14.08
N ASP A 956 -1.77 -15.12 15.17
CA ASP A 956 -1.83 -13.65 15.00
C ASP A 956 -0.45 -13.01 14.84
N LEU A 957 0.62 -13.81 14.95
CA LEU A 957 1.99 -13.32 14.84
C LEU A 957 2.54 -13.53 13.42
N ASP A 958 3.23 -12.53 12.88
CA ASP A 958 3.92 -12.70 11.59
C ASP A 958 5.35 -12.21 11.65
N VAL A 959 6.26 -12.86 10.91
CA VAL A 959 7.58 -12.30 10.66
C VAL A 959 7.44 -11.51 9.35
N SER A 960 7.09 -10.23 9.46
CA SER A 960 6.80 -9.40 8.29
C SER A 960 8.03 -9.26 7.41
N VAL A 961 9.20 -9.17 8.07
CA VAL A 961 10.47 -9.05 7.36
C VAL A 961 11.52 -9.93 8.02
N MET A 962 12.25 -10.63 7.16
CA MET A 962 13.52 -11.25 7.54
C MET A 962 14.56 -10.80 6.52
N ARG A 963 15.61 -10.16 7.00
CA ARG A 963 16.60 -9.57 6.11
C ARG A 963 18.00 -9.69 6.70
N ARG A 964 18.89 -10.35 5.97
CA ARG A 964 20.29 -10.37 6.42
C ARG A 964 20.87 -8.99 6.11
N LEU A 965 21.53 -8.40 7.10
CA LEU A 965 21.97 -7.01 7.01
C LEU A 965 23.44 -6.85 6.67
N THR A 966 24.19 -7.96 6.70
CA THR A 966 25.63 -7.94 6.44
C THR A 966 25.99 -8.75 5.21
N LYS A 967 27.05 -8.32 4.54
CA LYS A 967 27.64 -9.06 3.41
C LYS A 967 28.60 -10.11 3.97
N SER A 968 29.08 -11.01 3.10
CA SER A 968 29.80 -12.20 3.58
C SER A 968 31.14 -11.87 4.22
N SER A 969 31.71 -10.71 3.89
CA SER A 969 32.99 -10.32 4.49
C SER A 969 32.92 -9.86 5.97
N ALA A 970 31.73 -9.62 6.51
CA ALA A 970 31.63 -9.24 7.91
C ALA A 970 31.87 -10.44 8.86
N LYS A 971 32.79 -10.27 9.82
CA LYS A 971 33.06 -11.30 10.81
C LYS A 971 31.83 -11.56 11.64
N THR A 972 31.10 -10.50 11.98
CA THR A 972 29.87 -10.63 12.72
C THR A 972 28.70 -10.45 11.76
N GLN A 973 27.99 -11.54 11.51
CA GLN A 973 26.81 -11.53 10.65
C GLN A 973 25.63 -10.97 11.45
N ARG A 974 24.78 -10.19 10.78
CA ARG A 974 23.61 -9.67 11.46
C ARG A 974 22.37 -9.90 10.62
N VAL A 975 21.31 -10.34 11.29
CA VAL A 975 20.03 -10.59 10.59
C VAL A 975 18.92 -9.85 11.31
N GLY A 976 18.16 -9.07 10.52
CA GLY A 976 17.07 -8.25 11.02
C GLY A 976 15.70 -8.89 10.80
N TYR A 977 14.81 -8.71 11.77
CA TYR A 977 13.46 -9.25 11.75
C TYR A 977 12.49 -8.17 12.13
N VAL A 978 11.41 -8.04 11.37
CA VAL A 978 10.28 -7.22 11.85
C VAL A 978 9.18 -8.19 12.22
N LEU A 979 8.72 -8.12 13.47
CA LEU A 979 7.66 -8.99 14.03
C LEU A 979 6.41 -8.17 14.25
N HIS A 980 5.30 -8.59 13.65
CA HIS A 980 4.04 -7.89 13.79
C HIS A 980 3.02 -8.83 14.39
N ARG A 981 2.31 -8.39 15.42
N ARG A 981 2.31 -8.40 15.44
CA ARG A 981 1.18 -9.16 15.94
CA ARG A 981 1.18 -9.18 15.91
C ARG A 981 -0.09 -8.37 15.66
C ARG A 981 -0.08 -8.38 15.67
N THR A 982 -1.05 -9.01 14.98
CA THR A 982 -2.34 -8.37 14.75
C THR A 982 -3.22 -8.63 15.96
N ASN A 983 -4.50 -8.24 15.92
CA ASN A 983 -5.39 -8.61 17.01
C ASN A 983 -6.62 -9.28 16.43
N LEU A 984 -6.87 -10.50 16.89
CA LEU A 984 -8.01 -11.26 16.39
C LEU A 984 -9.09 -11.40 17.43
N MET A 985 -10.34 -11.39 16.99
CA MET A 985 -11.44 -11.48 17.95
C MET A 985 -11.51 -12.81 18.62
N GLN A 986 -11.83 -12.74 19.92
CA GLN A 986 -12.14 -13.90 20.76
C GLN A 986 -13.59 -14.28 20.51
N CYS A 987 -13.80 -15.43 19.83
CA CYS A 987 -15.14 -15.90 19.47
C CYS A 987 -15.48 -17.28 20.02
N GLY A 988 -14.66 -17.80 20.95
CA GLY A 988 -15.01 -19.06 21.59
C GLY A 988 -14.29 -20.27 21.05
N THR A 989 -13.33 -20.05 20.18
CA THR A 989 -12.53 -21.16 19.65
C THR A 989 -11.33 -21.35 20.55
N PRO A 990 -11.22 -22.53 21.19
CA PRO A 990 -10.10 -22.82 22.08
C PRO A 990 -8.76 -22.69 21.34
N GLU A 991 -8.68 -23.11 20.07
CA GLU A 991 -7.49 -22.92 19.21
C GLU A 991 -6.17 -22.61 19.96
N GLU A 992 -5.43 -23.60 20.45
CA GLU A 992 -4.16 -23.25 21.15
C GLU A 992 -2.91 -23.95 20.61
N HIS A 993 -2.28 -24.83 21.41
CA HIS A 993 -1.01 -25.53 21.02
C HIS A 993 -0.10 -24.89 19.95
N THR A 994 0.61 -23.82 20.33
CA THR A 994 1.66 -23.29 19.46
C THR A 994 3.00 -23.12 20.20
N GLN A 995 4.05 -22.75 19.49
CA GLN A 995 5.33 -22.55 20.14
C GLN A 995 5.78 -21.09 20.18
N LYS A 996 6.51 -20.74 21.23
CA LYS A 996 7.13 -19.42 21.32
C LYS A 996 8.08 -19.24 20.13
N LEU A 997 7.99 -18.08 19.47
CA LEU A 997 8.89 -17.79 18.39
C LEU A 997 9.92 -16.78 18.89
N ASP A 998 11.17 -17.23 18.98
CA ASP A 998 12.26 -16.34 19.29
C ASP A 998 13.10 -16.17 18.02
N VAL A 999 12.90 -15.05 17.32
CA VAL A 999 13.64 -14.83 16.09
C VAL A 999 15.16 -14.82 16.22
N CYS A 1000 15.65 -14.42 17.40
CA CYS A 1000 17.08 -14.32 17.58
C CYS A 1000 17.76 -15.68 17.58
N HIS A 1001 17.01 -16.76 17.84
CA HIS A 1001 17.60 -18.12 17.78
C HIS A 1001 17.26 -18.91 16.46
N LEU A 1002 16.68 -18.25 15.46
CA LEU A 1002 16.39 -18.93 14.20
C LEU A 1002 17.66 -19.33 13.48
N LEU A 1003 18.73 -18.54 13.60
CA LEU A 1003 20.00 -18.89 12.99
C LEU A 1003 20.95 -19.31 14.11
N PRO A 1004 21.86 -20.25 13.83
CA PRO A 1004 22.73 -20.78 14.87
C PRO A 1004 23.83 -19.78 15.30
N ASN A 1005 24.45 -20.09 16.44
CA ASN A 1005 25.63 -19.35 16.91
C ASN A 1005 25.34 -17.89 17.19
N VAL A 1006 24.18 -17.62 17.77
CA VAL A 1006 23.83 -16.25 18.11
C VAL A 1006 24.78 -15.76 19.22
N ALA A 1007 25.29 -14.54 19.07
CA ALA A 1007 26.18 -13.91 20.05
C ALA A 1007 25.55 -12.66 20.69
N ARG A 1008 24.53 -12.08 20.06
CA ARG A 1008 23.85 -10.90 20.59
C ARG A 1008 22.44 -10.82 19.99
N CYS A 1009 21.50 -10.31 20.78
CA CYS A 1009 20.15 -10.03 20.26
C CYS A 1009 19.79 -8.62 20.72
N GLU A 1010 19.39 -7.75 19.77
CA GLU A 1010 19.05 -6.37 20.05
CA GLU A 1010 19.05 -6.37 20.07
C GLU A 1010 17.66 -6.03 19.52
N ARG A 1011 16.90 -5.29 20.31
CA ARG A 1011 15.69 -4.68 19.77
C ARG A 1011 16.14 -3.37 19.09
N THR A 1012 15.61 -3.09 17.89
CA THR A 1012 16.03 -1.90 17.17
C THR A 1012 14.78 -1.12 16.72
N THR A 1013 15.01 0.08 16.21
CA THR A 1013 13.98 0.76 15.45
C THR A 1013 13.60 -0.10 14.24
N LEU A 1014 12.43 0.17 13.67
CA LEU A 1014 11.94 -0.72 12.59
C LEU A 1014 12.80 -0.73 11.33
N THR A 1015 13.64 0.29 11.13
CA THR A 1015 14.53 0.44 10.00
C THR A 1015 15.87 -0.27 10.26
N PHE A 1016 16.02 -0.79 11.48
CA PHE A 1016 17.21 -1.49 12.01
C PHE A 1016 18.41 -0.57 12.26
N LEU A 1017 18.19 0.74 12.20
CA LEU A 1017 19.28 1.71 12.23
C LEU A 1017 19.75 2.12 13.61
N GLN A 1018 18.95 1.89 14.63
CA GLN A 1018 19.34 2.25 15.99
C GLN A 1018 19.02 1.13 16.97
N ASN A 1019 20.02 0.73 17.79
CA ASN A 1019 19.78 -0.24 18.84
C ASN A 1019 19.10 0.40 20.03
N LEU A 1020 18.01 -0.21 20.48
CA LEU A 1020 17.17 0.35 21.54
C LEU A 1020 17.31 -0.45 22.85
N GLU A 1021 17.63 -1.74 22.73
CA GLU A 1021 17.65 -2.62 23.91
C GLU A 1021 18.54 -3.82 23.65
N HIS A 1022 19.42 -4.12 24.61
CA HIS A 1022 20.29 -5.30 24.55
C HIS A 1022 19.56 -6.42 25.31
N LEU A 1023 19.25 -7.53 24.62
CA LEU A 1023 18.28 -8.49 25.14
C LEU A 1023 18.88 -9.64 25.95
N ASP A 1024 18.39 -9.80 27.18
CA ASP A 1024 18.79 -10.87 28.11
C ASP A 1024 18.61 -12.24 27.49
N GLY A 1025 19.65 -13.05 27.65
CA GLY A 1025 19.65 -14.42 27.18
C GLY A 1025 19.60 -14.51 25.67
N MET A 1026 19.83 -13.38 25.01
CA MET A 1026 19.75 -13.30 23.54
C MET A 1026 18.39 -13.77 23.01
N VAL A 1027 17.33 -13.42 23.73
CA VAL A 1027 15.99 -13.89 23.38
C VAL A 1027 15.13 -12.70 22.98
N ALA A 1028 14.50 -12.79 21.81
CA ALA A 1028 13.61 -11.73 21.34
C ALA A 1028 12.22 -12.06 21.85
N PRO A 1029 11.67 -11.26 22.74
CA PRO A 1029 10.30 -11.48 23.23
C PRO A 1029 9.30 -11.33 22.09
N GLU A 1030 8.16 -11.99 22.17
CA GLU A 1030 7.10 -11.72 21.21
C GLU A 1030 6.44 -10.37 21.54
N VAL A 1031 5.78 -9.80 20.56
CA VAL A 1031 5.13 -8.50 20.70
C VAL A 1031 3.67 -8.64 21.09
N CYS A 1032 3.11 -7.56 21.63
CA CYS A 1032 1.71 -7.43 22.02
C CYS A 1032 0.79 -7.29 20.81
N PRO A 1033 -0.50 -7.61 20.94
CA PRO A 1033 -1.46 -7.35 19.85
C PRO A 1033 -1.38 -5.89 19.37
N MET A 1034 -1.34 -5.77 18.06
CA MET A 1034 -1.28 -4.51 17.30
C MET A 1034 0.08 -3.84 17.38
N GLU A 1035 1.05 -4.54 17.96
CA GLU A 1035 2.38 -3.98 18.08
C GLU A 1035 3.29 -4.58 17.04
N THR A 1036 4.35 -3.83 16.73
CA THR A 1036 5.37 -4.24 15.76
C THR A 1036 6.71 -3.89 16.39
N ALA A 1037 7.67 -4.83 16.33
CA ALA A 1037 8.99 -4.59 16.85
C ALA A 1037 10.01 -5.10 15.86
N ALA A 1038 11.23 -4.66 15.99
CA ALA A 1038 12.30 -5.15 15.15
C ALA A 1038 13.41 -5.67 16.03
N TYR A 1039 14.05 -6.74 15.55
CA TYR A 1039 15.16 -7.30 16.29
C TYR A 1039 16.27 -7.61 15.34
N VAL A 1040 17.51 -7.51 15.83
CA VAL A 1040 18.66 -7.89 15.03
C VAL A 1040 19.44 -8.93 15.85
N SER A 1041 19.67 -10.09 15.23
CA SER A 1041 20.55 -11.09 15.84
C SER A 1041 21.94 -11.01 15.22
N SER A 1042 22.96 -11.15 16.06
CA SER A 1042 24.36 -11.12 15.62
C SER A 1042 24.94 -12.51 15.82
N HIS A 1043 25.76 -12.94 14.86
CA HIS A 1043 26.20 -14.34 14.82
C HIS A 1043 27.67 -14.37 14.58
N SER A 1044 28.39 -15.13 15.39
CA SER A 1044 29.84 -15.25 15.26
C SER A 1044 30.21 -16.31 14.24
N SER A 1045 29.23 -17.09 13.81
CA SER A 1045 29.43 -18.50 13.50
C SER A 1045 30.89 -18.90 13.71
C1 NAG B . 28.36 10.54 12.57
C2 NAG B . 29.82 10.98 12.76
C3 NAG B . 30.24 10.81 14.21
C4 NAG B . 29.33 11.65 15.09
C5 NAG B . 27.89 11.17 14.84
C6 NAG B . 26.82 11.95 15.62
C7 NAG B . 31.33 10.91 10.92
C8 NAG B . 31.74 12.34 11.18
N2 NAG B . 30.73 10.25 11.91
O3 NAG B . 31.61 11.16 14.37
O4 NAG B . 29.72 11.49 16.44
O5 NAG B . 27.55 11.28 13.46
O6 NAG B . 27.26 12.12 16.95
O7 NAG B . 31.55 10.38 9.82
ZN ZN C . 3.75 15.37 -5.61
S SO4 D . -6.71 -21.16 1.06
O1 SO4 D . -5.91 -22.24 1.58
O2 SO4 D . -7.93 -21.71 0.50
O3 SO4 D . -7.03 -20.30 2.20
O4 SO4 D . -6.00 -20.40 0.01
C5 MSN E . 1.45 17.70 -7.81
N5 MSN E . 1.73 18.60 -6.68
C4 MSN E . 2.69 16.81 -8.11
O4 MSN E . 3.68 16.94 -7.11
C3 MSN E . 2.16 15.37 -8.29
O3 MSN E . 2.36 14.61 -7.13
C2 MSN E . 0.64 15.57 -8.51
O2 MSN E . -0.10 14.39 -8.24
C1 MSN E . 0.37 16.71 -7.52
S6 MSN E . -1.25 17.55 -7.77
C7 MSN E . -2.20 16.36 -6.85
C1 MPD F . -11.55 28.40 -3.60
C2 MPD F . -10.14 27.85 -3.71
O2 MPD F . -9.94 27.05 -2.51
CM MPD F . -10.02 26.96 -4.94
C3 MPD F . -9.29 29.13 -3.56
C4 MPD F . -7.86 29.49 -4.03
O4 MPD F . -7.10 29.99 -2.93
C5 MPD F . -7.07 28.59 -4.96
#